data_7TNZ
#
_entry.id   7TNZ
#
_cell.length_a   1.00
_cell.length_b   1.00
_cell.length_c   1.00
_cell.angle_alpha   90.00
_cell.angle_beta   90.00
_cell.angle_gamma   90.00
#
_symmetry.space_group_name_H-M   'P 1'
#
loop_
_entity.id
_entity.type
_entity.pdbx_description
1 polymer 'Antiviral innate immune response receptor RIG-I'
2 polymer p1dsRNA
3 non-polymer 'ZINC ION'
#
loop_
_entity_poly.entity_id
_entity_poly.type
_entity_poly.pdbx_seq_one_letter_code
_entity_poly.pdbx_strand_id
1 'polypeptide(L)'
;MTTEQRRSLQAFQDYIRKTLDPTYILSYMAPWFREEEVQYIQAEKNNKGPMEAATLFLKFLLELQEEGWFRGFLDALDHA
GYSGLYEAIESWDFKKIEKLEEYRLLLKRLQPEFKTRIIPTDIISDLSECLINQECEEILQICSTKGMMAGAEKLVECLL
RSDKENWPKTLKLALEKERNKFSELWIVEKGIKDVETEDLEDKMETSDIQIFYQEDPECQNLSENSCPPSEVSDTNLYSP
FKPRNYQLELALPAMKGKNTIICAPTGCGKTFVSLLICEHHLKKFPQGQKGKVVFFANQIPVYEQQKSVFSKYFERHGYR
VTGISGATAENVPVEQIVENNDIIILTPQILVNNLKKGTIPSLSIFTLMIFDECHNTSKQHPYNMIMFNYLDQKLGGSSG
PLPQVIGLTASVGVGDAKNTDEALDYICKLCASLDASVIATVKHNLEELEQVVYKPQKFFRKVESRISDKFKYIIAQLMR
DTESLAKRICKDLENLSQIQNREFGTQKYEQWIVTVQKACMVFQMPDKDEESRICKALFLYTSHLRKYNDALIISEHARM
KDALDYLKDFFSNVRAAGFDEIEQDLTQRFEEKLQELESVSRDPSNENPKLEDLCFILQEEYHLNPETITILFVKTRALV
DALKNWIEGNPKLSFLKPGILTGRGKTNQNTGMTLPAQKCILDAFKASGDHNILIATSVADEGIDIAQCNLVILYEYVGN
VIKMIQTRGRGRARGSKCFLLTSNAGVIEKEQINMYKEKMMNDSILRLQTWDEAVFREKILHIQTHEKFIRDSQEKPKPV
PDKENKKLLCRKCKALACYTADVRVIEECHYTVLGDAFKECFVSRPHPKPKQFSSFEKRAKIFCARQNCSHDWGIHVKYK
TFEIPVIKIESFVVEDIATGVQTLYSKWKDFHFEKIPFDPAEMSK
;
A
2 'polyribonucleotide' (5GP)GACGUACGUCGCGACGUACGUCC B,C
#
# COMPACT_ATOMS: atom_id res chain seq x y z
N PHE A 241 14.63 25.97 -15.73
CA PHE A 241 14.04 26.86 -16.76
C PHE A 241 14.86 26.82 -18.05
N LYS A 242 16.15 26.52 -17.93
CA LYS A 242 17.06 26.44 -19.09
C LYS A 242 17.24 24.99 -19.48
N PRO A 243 16.68 24.53 -20.62
CA PRO A 243 16.82 23.14 -21.02
C PRO A 243 18.25 22.82 -21.49
N ARG A 244 18.89 21.89 -20.79
CA ARG A 244 20.26 21.46 -21.13
C ARG A 244 20.20 20.28 -22.11
N ASN A 245 21.34 19.97 -22.70
CA ASN A 245 21.45 18.90 -23.72
C ASN A 245 21.05 17.55 -23.10
N TYR A 246 21.38 17.31 -21.84
CA TYR A 246 21.06 16.03 -21.16
C TYR A 246 19.55 15.77 -21.23
N GLN A 247 18.75 16.66 -20.67
CA GLN A 247 17.28 16.49 -20.61
C GLN A 247 16.65 16.82 -21.98
N LEU A 248 17.38 17.43 -22.91
CA LEU A 248 16.84 17.69 -24.26
C LEU A 248 16.98 16.44 -25.14
N GLU A 249 18.00 15.62 -24.92
CA GLU A 249 18.21 14.39 -25.72
C GLU A 249 17.08 13.39 -25.46
N LEU A 250 16.52 13.37 -24.25
CA LEU A 250 15.39 12.45 -23.91
C LEU A 250 14.10 12.91 -24.57
N ALA A 251 14.05 14.09 -25.19
CA ALA A 251 12.81 14.63 -25.80
C ALA A 251 12.78 14.38 -27.31
N LEU A 252 13.91 14.01 -27.92
CA LEU A 252 13.97 13.86 -29.40
C LEU A 252 13.02 12.75 -29.86
N PRO A 253 12.99 11.55 -29.24
CA PRO A 253 12.03 10.54 -29.67
C PRO A 253 10.57 10.95 -29.38
N ALA A 254 10.34 11.70 -28.32
CA ALA A 254 8.95 12.10 -27.93
C ALA A 254 8.44 13.16 -28.91
N MET A 255 9.30 14.06 -29.37
CA MET A 255 8.87 15.13 -30.30
C MET A 255 8.92 14.62 -31.74
N LYS A 256 8.29 13.48 -32.02
CA LYS A 256 8.22 12.94 -33.41
C LYS A 256 6.86 12.33 -33.69
N GLY A 257 5.88 12.49 -32.81
CA GLY A 257 4.54 11.89 -32.93
C GLY A 257 4.55 10.38 -32.74
N LYS A 258 5.40 9.87 -31.85
CA LYS A 258 5.46 8.43 -31.56
C LYS A 258 5.48 8.21 -30.04
N ASN A 259 4.97 7.07 -29.62
CA ASN A 259 4.81 6.74 -28.20
C ASN A 259 6.17 6.26 -27.66
N THR A 260 6.70 6.96 -26.67
CA THR A 260 8.02 6.62 -26.08
C THR A 260 7.86 6.29 -24.59
N ILE A 261 8.90 5.69 -24.03
CA ILE A 261 9.01 5.41 -22.58
C ILE A 261 10.31 6.03 -22.11
N ILE A 262 10.22 7.21 -21.51
CA ILE A 262 11.43 7.91 -21.01
C ILE A 262 11.79 7.32 -19.65
N CYS A 263 13.08 7.03 -19.45
CA CYS A 263 13.61 6.46 -18.20
C CYS A 263 14.73 7.36 -17.68
N ALA A 264 14.42 8.23 -16.73
CA ALA A 264 15.40 9.13 -16.10
C ALA A 264 15.29 8.99 -14.60
N PRO A 265 16.38 8.61 -13.89
CA PRO A 265 16.31 8.47 -12.44
C PRO A 265 16.22 9.81 -11.67
N THR A 266 16.34 10.92 -12.37
CA THR A 266 16.28 12.27 -11.74
C THR A 266 14.82 12.63 -11.46
N GLY A 267 14.61 13.39 -10.39
CA GLY A 267 13.28 13.87 -9.99
C GLY A 267 12.83 15.05 -10.84
N CYS A 268 13.57 16.14 -10.78
CA CYS A 268 13.24 17.40 -11.48
C CYS A 268 13.38 17.21 -12.99
N GLY A 269 14.32 16.38 -13.43
CA GLY A 269 14.55 16.14 -14.86
C GLY A 269 13.30 15.57 -15.53
N LYS A 270 12.61 14.66 -14.84
CA LYS A 270 11.43 13.99 -15.42
C LYS A 270 10.32 15.03 -15.67
N THR A 271 9.99 15.82 -14.65
CA THR A 271 8.91 16.83 -14.79
C THR A 271 9.34 17.90 -15.81
N PHE A 272 10.62 18.23 -15.85
CA PHE A 272 11.12 19.25 -16.82
C PHE A 272 10.96 18.72 -18.24
N VAL A 273 11.30 17.45 -18.46
CA VAL A 273 11.17 16.82 -19.79
C VAL A 273 9.68 16.76 -20.17
N SER A 274 8.80 16.48 -19.22
CA SER A 274 7.34 16.46 -19.49
C SER A 274 6.90 17.87 -19.91
N LEU A 275 7.41 18.90 -19.24
CA LEU A 275 7.06 20.30 -19.59
C LEU A 275 7.55 20.61 -21.00
N LEU A 276 8.77 20.17 -21.35
CA LEU A 276 9.32 20.44 -22.70
C LEU A 276 8.45 19.75 -23.75
N ILE A 277 8.02 18.52 -23.47
CA ILE A 277 7.20 17.76 -24.46
C ILE A 277 5.83 18.43 -24.57
N CYS A 278 5.26 18.90 -23.46
CA CYS A 278 3.96 19.62 -23.48
C CYS A 278 4.11 20.88 -24.34
N GLU A 279 5.20 21.61 -24.17
CA GLU A 279 5.45 22.86 -24.95
C GLU A 279 5.51 22.50 -26.43
N HIS A 280 6.31 21.50 -26.78
CA HIS A 280 6.52 21.12 -28.20
C HIS A 280 5.22 20.58 -28.79
N HIS A 281 4.35 19.97 -27.99
CA HIS A 281 3.10 19.38 -28.50
C HIS A 281 2.01 20.45 -28.63
N LEU A 282 2.05 21.48 -27.79
CA LEU A 282 1.03 22.56 -27.84
C LEU A 282 1.47 23.67 -28.81
N LYS A 283 2.73 23.73 -29.19
CA LYS A 283 3.21 24.78 -30.14
C LYS A 283 3.36 24.23 -31.56
N LYS A 284 3.07 22.94 -31.78
CA LYS A 284 3.25 22.34 -33.12
C LYS A 284 1.92 22.29 -33.88
N PHE A 285 0.79 22.40 -33.20
CA PHE A 285 -0.54 22.34 -33.87
C PHE A 285 -0.75 23.58 -34.72
N PRO A 286 -1.37 23.43 -35.90
CA PRO A 286 -1.64 24.58 -36.76
C PRO A 286 -2.69 25.53 -36.16
N GLN A 287 -2.86 26.67 -36.79
CA GLN A 287 -3.82 27.71 -36.35
C GLN A 287 -5.24 27.15 -36.50
N GLY A 288 -5.96 27.09 -35.38
CA GLY A 288 -7.37 26.64 -35.31
C GLY A 288 -7.53 25.25 -34.73
N GLN A 289 -6.48 24.67 -34.14
CA GLN A 289 -6.58 23.37 -33.45
C GLN A 289 -5.83 23.46 -32.14
N LYS A 290 -6.52 23.20 -31.03
CA LYS A 290 -5.92 23.30 -29.67
C LYS A 290 -5.62 21.89 -29.16
N GLY A 291 -4.63 21.79 -28.27
CA GLY A 291 -4.21 20.53 -27.66
C GLY A 291 -4.95 20.24 -26.37
N LYS A 292 -5.07 18.97 -26.03
CA LYS A 292 -5.68 18.50 -24.76
C LYS A 292 -4.76 17.48 -24.09
N VAL A 293 -3.50 17.82 -23.94
CA VAL A 293 -2.53 16.95 -23.22
C VAL A 293 -3.07 16.65 -21.82
N VAL A 294 -2.89 15.42 -21.36
CA VAL A 294 -3.36 14.99 -20.03
C VAL A 294 -2.21 14.34 -19.26
N PHE A 295 -1.81 14.94 -18.16
CA PHE A 295 -0.78 14.37 -17.28
C PHE A 295 -1.46 13.52 -16.22
N PHE A 296 -0.85 12.40 -15.87
CA PHE A 296 -1.40 11.50 -14.84
C PHE A 296 -0.47 11.49 -13.63
N ALA A 297 -1.06 11.19 -12.47
CA ALA A 297 -0.33 11.09 -11.21
C ALA A 297 -1.07 10.15 -10.27
N ASN A 298 -0.36 9.20 -9.69
CA ASN A 298 -0.99 8.14 -8.87
C ASN A 298 -1.18 8.65 -7.44
N GLN A 299 -0.39 9.62 -6.99
CA GLN A 299 -0.48 10.12 -5.60
C GLN A 299 -0.85 11.61 -5.59
N ILE A 300 -1.46 12.03 -4.49
CA ILE A 300 -1.86 13.46 -4.31
C ILE A 300 -0.61 14.30 -4.03
N PRO A 301 0.35 13.88 -3.18
CA PRO A 301 1.55 14.67 -2.98
C PRO A 301 2.34 14.97 -4.27
N VAL A 302 2.26 14.10 -5.27
CA VAL A 302 2.95 14.33 -6.57
C VAL A 302 1.99 15.01 -7.55
N TYR A 303 0.69 14.78 -7.42
CA TYR A 303 -0.33 15.44 -8.27
C TYR A 303 -0.37 16.95 -8.00
N GLU A 304 -0.41 17.35 -6.73
CA GLU A 304 -0.51 18.78 -6.35
C GLU A 304 0.75 19.51 -6.79
N GLN A 305 1.92 18.90 -6.59
CA GLN A 305 3.21 19.52 -6.96
C GLN A 305 3.26 19.69 -8.48
N GLN A 306 2.88 18.67 -9.23
CA GLN A 306 2.90 18.74 -10.72
C GLN A 306 1.88 19.79 -11.19
N LYS A 307 0.74 19.89 -10.52
CA LYS A 307 -0.28 20.90 -10.91
C LYS A 307 0.27 22.30 -10.67
N SER A 308 0.90 22.53 -9.53
CA SER A 308 1.52 23.84 -9.19
C SER A 308 2.59 24.17 -10.24
N VAL A 309 3.41 23.17 -10.59
CA VAL A 309 4.51 23.40 -11.56
C VAL A 309 3.93 23.75 -12.92
N PHE A 310 2.92 23.01 -13.36
CA PHE A 310 2.29 23.26 -14.68
C PHE A 310 1.61 24.64 -14.68
N SER A 311 0.98 25.02 -13.59
CA SER A 311 0.29 26.33 -13.49
C SER A 311 1.33 27.46 -13.52
N LYS A 312 2.46 27.27 -12.87
CA LYS A 312 3.54 28.30 -12.86
C LYS A 312 4.18 28.36 -14.25
N TYR A 313 4.26 27.25 -14.96
CA TYR A 313 4.99 27.20 -16.25
C TYR A 313 4.11 27.76 -17.37
N PHE A 314 2.89 27.25 -17.51
CA PHE A 314 1.98 27.64 -18.61
C PHE A 314 1.15 28.86 -18.21
N GLU A 315 1.84 29.94 -17.85
CA GLU A 315 1.20 31.23 -17.49
C GLU A 315 1.50 32.29 -18.55
N ARG A 316 2.65 32.20 -19.21
CA ARG A 316 3.06 33.19 -20.23
C ARG A 316 2.54 32.79 -21.62
N HIS A 317 2.00 31.59 -21.77
CA HIS A 317 1.50 31.09 -23.08
C HIS A 317 -0.02 31.16 -23.17
N GLY A 318 -0.72 31.38 -22.05
CA GLY A 318 -2.20 31.42 -22.04
C GLY A 318 -2.79 30.04 -22.23
N TYR A 319 -2.51 29.14 -21.29
CA TYR A 319 -3.02 27.75 -21.32
C TYR A 319 -3.75 27.48 -20.03
N ARG A 320 -5.00 27.01 -20.15
CA ARG A 320 -5.84 26.72 -18.96
C ARG A 320 -5.40 25.38 -18.35
N VAL A 321 -5.12 25.38 -17.06
CA VAL A 321 -4.75 24.14 -16.33
C VAL A 321 -5.41 24.16 -14.95
N THR A 322 -6.24 23.17 -14.66
CA THR A 322 -6.97 23.09 -13.37
C THR A 322 -6.67 21.77 -12.68
N GLY A 323 -6.84 20.64 -13.36
CA GLY A 323 -6.64 19.32 -12.76
C GLY A 323 -7.81 18.89 -11.88
N ILE A 324 -8.03 17.59 -11.80
CA ILE A 324 -9.14 17.01 -11.00
C ILE A 324 -8.55 16.07 -9.96
N SER A 325 -9.26 15.85 -8.86
CA SER A 325 -8.83 14.92 -7.79
C SER A 325 -10.05 14.36 -7.06
N GLY A 326 -9.80 13.52 -6.05
CA GLY A 326 -10.85 12.92 -5.21
C GLY A 326 -11.59 13.95 -4.37
N ALA A 327 -10.94 15.06 -4.01
CA ALA A 327 -11.55 16.13 -3.19
C ALA A 327 -11.97 17.32 -4.05
N THR A 328 -11.29 17.55 -5.17
CA THR A 328 -11.57 18.71 -6.05
C THR A 328 -12.94 18.57 -6.71
N ALA A 329 -13.43 17.34 -6.89
CA ALA A 329 -14.69 17.08 -7.63
C ALA A 329 -15.89 17.12 -6.69
N GLU A 330 -16.24 18.31 -6.21
CA GLU A 330 -17.49 18.52 -5.43
C GLU A 330 -18.65 18.60 -6.43
N ASN A 331 -19.02 17.45 -6.99
CA ASN A 331 -20.07 17.35 -8.03
C ASN A 331 -19.68 18.29 -9.19
N VAL A 332 -18.56 18.00 -9.84
CA VAL A 332 -18.03 18.86 -10.91
C VAL A 332 -18.42 18.26 -12.25
N PRO A 333 -18.87 19.08 -13.23
CA PRO A 333 -19.14 18.58 -14.57
C PRO A 333 -17.84 18.20 -15.30
N VAL A 334 -17.40 16.98 -15.09
CA VAL A 334 -16.09 16.50 -15.61
C VAL A 334 -16.07 16.64 -17.13
N GLU A 335 -17.19 16.37 -17.78
CA GLU A 335 -17.28 16.50 -19.26
C GLU A 335 -16.99 17.95 -19.66
N GLN A 336 -17.65 18.90 -19.00
CA GLN A 336 -17.51 20.33 -19.33
C GLN A 336 -16.08 20.78 -19.02
N ILE A 337 -15.50 20.32 -17.92
CA ILE A 337 -14.15 20.79 -17.49
C ILE A 337 -13.11 20.20 -18.45
N VAL A 338 -13.36 19.02 -18.98
CA VAL A 338 -12.41 18.40 -19.95
C VAL A 338 -12.56 19.10 -21.30
N GLU A 339 -13.78 19.47 -21.68
CA GLU A 339 -14.01 20.16 -22.96
C GLU A 339 -13.44 21.58 -22.91
N ASN A 340 -13.44 22.22 -21.75
CA ASN A 340 -12.99 23.64 -21.64
C ASN A 340 -11.50 23.71 -21.35
N ASN A 341 -10.97 22.76 -20.57
CA ASN A 341 -9.57 22.82 -20.11
C ASN A 341 -8.62 22.30 -21.20
N ASP A 342 -7.37 22.74 -21.14
CA ASP A 342 -6.31 22.31 -22.09
C ASP A 342 -5.42 21.25 -21.44
N ILE A 343 -4.83 21.57 -20.29
CA ILE A 343 -3.92 20.64 -19.58
C ILE A 343 -4.68 20.10 -18.37
N ILE A 344 -5.05 18.83 -18.42
CA ILE A 344 -5.78 18.19 -17.29
C ILE A 344 -4.83 17.22 -16.60
N ILE A 345 -4.80 17.28 -15.28
CA ILE A 345 -3.83 16.48 -14.48
C ILE A 345 -4.60 15.57 -13.53
N LEU A 346 -5.76 15.09 -13.97
CA LEU A 346 -6.60 14.18 -13.15
C LEU A 346 -5.82 12.90 -12.81
N THR A 347 -5.98 12.38 -11.60
CA THR A 347 -5.39 11.07 -11.21
C THR A 347 -6.16 9.97 -11.94
N PRO A 348 -5.52 8.86 -12.34
CA PRO A 348 -6.12 7.87 -13.24
C PRO A 348 -7.52 7.39 -12.88
N GLN A 349 -7.73 7.02 -11.62
CA GLN A 349 -8.98 6.39 -11.15
C GLN A 349 -10.19 7.23 -11.58
N ILE A 350 -10.09 8.54 -11.61
CA ILE A 350 -11.21 9.41 -12.09
C ILE A 350 -11.50 9.11 -13.56
N LEU A 351 -10.47 8.98 -14.38
CA LEU A 351 -10.69 8.68 -15.81
C LEU A 351 -11.28 7.27 -15.95
N VAL A 352 -10.85 6.33 -15.14
CA VAL A 352 -11.41 4.95 -15.20
C VAL A 352 -12.89 4.99 -14.80
N ASN A 353 -13.23 5.71 -13.73
CA ASN A 353 -14.65 5.84 -13.29
C ASN A 353 -15.47 6.49 -14.40
N ASN A 354 -14.93 7.50 -15.05
CA ASN A 354 -15.65 8.21 -16.14
C ASN A 354 -15.86 7.25 -17.31
N LEU A 355 -14.83 6.52 -17.71
CA LEU A 355 -14.93 5.57 -18.84
C LEU A 355 -15.95 4.48 -18.51
N LYS A 356 -16.03 4.07 -17.24
CA LYS A 356 -16.97 2.99 -16.85
C LYS A 356 -18.40 3.55 -16.78
N LYS A 357 -18.57 4.80 -16.36
CA LYS A 357 -19.92 5.40 -16.18
C LYS A 357 -20.50 5.76 -17.55
N GLY A 358 -19.71 6.41 -18.40
CA GLY A 358 -20.14 6.80 -19.76
C GLY A 358 -19.65 8.18 -20.14
N THR A 359 -19.31 9.02 -19.15
CA THR A 359 -18.71 10.33 -19.41
C THR A 359 -17.35 10.16 -20.09
N ILE A 360 -17.03 11.04 -21.03
CA ILE A 360 -15.80 10.95 -21.86
C ILE A 360 -15.79 9.57 -22.52
N PRO A 361 -16.66 9.31 -23.53
CA PRO A 361 -16.77 7.98 -24.12
C PRO A 361 -15.45 7.41 -24.63
N SER A 362 -14.74 8.18 -25.44
CA SER A 362 -13.46 7.76 -26.06
C SER A 362 -12.34 8.68 -25.60
N LEU A 363 -11.11 8.18 -25.69
CA LEU A 363 -9.90 8.95 -25.31
C LEU A 363 -9.46 9.85 -26.46
N SER A 364 -10.14 9.81 -27.62
CA SER A 364 -9.78 10.65 -28.79
C SER A 364 -9.88 12.14 -28.44
N ILE A 365 -10.56 12.48 -27.35
CA ILE A 365 -10.62 13.90 -26.88
C ILE A 365 -9.21 14.36 -26.51
N PHE A 366 -8.41 13.48 -25.93
CA PHE A 366 -7.01 13.81 -25.59
C PHE A 366 -6.12 13.63 -26.81
N THR A 367 -4.93 14.20 -26.75
CA THR A 367 -3.93 14.10 -27.84
C THR A 367 -2.55 13.76 -27.31
N LEU A 368 -2.30 13.78 -26.00
CA LEU A 368 -1.00 13.39 -25.44
C LEU A 368 -1.21 12.88 -24.02
N MET A 369 -1.21 11.56 -23.87
CA MET A 369 -1.42 10.90 -22.56
C MET A 369 -0.06 10.71 -21.90
N ILE A 370 0.27 11.56 -20.95
CA ILE A 370 1.54 11.44 -20.18
C ILE A 370 1.27 10.66 -18.90
N PHE A 371 2.03 9.61 -18.68
CA PHE A 371 1.94 8.76 -17.47
C PHE A 371 3.16 8.98 -16.60
N ASP A 372 2.93 9.23 -15.32
CA ASP A 372 4.02 9.37 -14.32
C ASP A 372 4.25 8.01 -13.66
N GLU A 373 5.50 7.56 -13.66
CA GLU A 373 5.87 6.23 -13.13
C GLU A 373 5.05 5.15 -13.84
N CYS A 374 5.23 5.03 -15.14
CA CYS A 374 4.47 4.06 -15.97
C CYS A 374 4.86 2.63 -15.64
N HIS A 375 5.96 2.40 -14.93
CA HIS A 375 6.37 1.04 -14.52
C HIS A 375 5.32 0.42 -13.60
N ASN A 376 4.42 1.21 -13.03
CA ASN A 376 3.30 0.71 -12.20
C ASN A 376 2.16 0.21 -13.07
N THR A 377 2.32 0.15 -14.40
CA THR A 377 1.26 -0.35 -15.31
C THR A 377 1.24 -1.88 -15.25
N SER A 378 1.01 -2.43 -14.07
CA SER A 378 0.99 -3.89 -13.86
C SER A 378 -0.44 -4.40 -14.03
N LYS A 379 -0.68 -5.66 -13.70
CA LYS A 379 -2.01 -6.30 -13.78
C LYS A 379 -3.10 -5.47 -13.10
N GLN A 380 -4.15 -5.11 -13.83
CA GLN A 380 -5.37 -4.49 -13.26
C GLN A 380 -5.04 -3.21 -12.47
N HIS A 381 -4.03 -2.47 -12.89
CA HIS A 381 -3.77 -1.12 -12.35
C HIS A 381 -4.72 -0.13 -13.00
N PRO A 382 -4.99 1.04 -12.40
CA PRO A 382 -5.68 2.10 -13.12
C PRO A 382 -5.04 2.49 -14.45
N TYR A 383 -3.72 2.61 -14.49
CA TYR A 383 -3.00 2.85 -15.75
C TYR A 383 -3.27 1.71 -16.73
N ASN A 384 -3.25 0.49 -16.22
CA ASN A 384 -3.51 -0.70 -17.07
C ASN A 384 -4.94 -0.68 -17.60
N MET A 385 -5.90 -0.20 -16.82
CA MET A 385 -7.32 -0.15 -17.28
C MET A 385 -7.46 0.93 -18.36
N ILE A 386 -6.83 2.06 -18.16
CA ILE A 386 -6.84 3.15 -19.19
C ILE A 386 -6.21 2.60 -20.47
N MET A 387 -5.10 1.89 -20.35
CA MET A 387 -4.42 1.33 -21.54
C MET A 387 -5.26 0.21 -22.15
N PHE A 388 -6.02 -0.53 -21.35
CA PHE A 388 -6.95 -1.56 -21.87
C PHE A 388 -8.02 -0.90 -22.73
N ASN A 389 -8.59 0.19 -22.23
CA ASN A 389 -9.59 0.96 -23.00
C ASN A 389 -8.96 1.48 -24.29
N TYR A 390 -7.75 2.00 -24.21
CA TYR A 390 -7.02 2.54 -25.38
C TYR A 390 -6.81 1.44 -26.42
N LEU A 391 -6.32 0.28 -25.98
CA LEU A 391 -6.05 -0.85 -26.91
C LEU A 391 -7.35 -1.41 -27.47
N ASP A 392 -8.43 -1.41 -26.69
CA ASP A 392 -9.74 -1.85 -27.22
C ASP A 392 -10.20 -0.91 -28.32
N GLN A 393 -10.09 0.39 -28.10
CA GLN A 393 -10.48 1.39 -29.12
C GLN A 393 -9.57 1.25 -30.35
N LYS A 394 -8.31 0.88 -30.15
CA LYS A 394 -7.33 0.78 -31.26
C LYS A 394 -7.57 -0.49 -32.08
N LEU A 395 -7.93 -1.61 -31.44
CA LEU A 395 -7.97 -2.93 -32.13
C LEU A 395 -9.39 -3.33 -32.54
N GLY A 396 -10.43 -2.77 -31.92
CA GLY A 396 -11.83 -3.10 -32.22
C GLY A 396 -12.19 -2.79 -33.67
N GLY A 397 -11.84 -1.60 -34.15
CA GLY A 397 -12.18 -1.12 -35.50
C GLY A 397 -12.66 0.31 -35.48
N SER A 398 -13.07 0.84 -34.33
CA SER A 398 -13.45 2.26 -34.18
C SER A 398 -12.21 3.09 -33.85
N SER A 399 -11.16 2.97 -34.66
CA SER A 399 -9.87 3.66 -34.43
C SER A 399 -9.99 5.11 -34.91
N GLY A 400 -9.91 6.06 -33.98
CA GLY A 400 -10.00 7.50 -34.27
C GLY A 400 -8.66 8.18 -34.05
N PRO A 401 -8.66 9.51 -33.84
CA PRO A 401 -7.43 10.23 -33.52
C PRO A 401 -6.93 9.91 -32.10
N LEU A 402 -6.27 8.77 -31.99
CA LEU A 402 -5.76 8.28 -30.68
C LEU A 402 -4.64 9.18 -30.19
N PRO A 403 -4.55 9.38 -28.87
CA PRO A 403 -3.50 10.23 -28.30
C PRO A 403 -2.14 9.51 -28.23
N GLN A 404 -1.12 10.30 -27.96
CA GLN A 404 0.26 9.78 -27.81
C GLN A 404 0.52 9.45 -26.34
N VAL A 405 1.17 8.32 -26.12
CA VAL A 405 1.49 7.84 -24.75
C VAL A 405 2.99 7.95 -24.56
N ILE A 406 3.40 8.89 -23.72
CA ILE A 406 4.85 9.17 -23.50
C ILE A 406 5.19 8.86 -22.04
N GLY A 407 4.53 7.86 -21.47
CA GLY A 407 4.68 7.50 -20.05
C GLY A 407 6.11 7.60 -19.52
N LEU A 408 6.33 8.42 -18.51
CA LEU A 408 7.66 8.64 -17.91
C LEU A 408 7.88 7.64 -16.77
N THR A 409 9.14 7.38 -16.47
CA THR A 409 9.52 6.53 -15.32
C THR A 409 11.01 6.71 -15.05
N ALA A 410 11.50 5.99 -14.04
CA ALA A 410 12.94 5.97 -13.69
C ALA A 410 13.53 4.55 -13.77
N SER A 411 12.70 3.51 -13.79
CA SER A 411 13.18 2.11 -13.90
C SER A 411 12.08 1.23 -14.48
N VAL A 412 12.33 0.58 -15.59
CA VAL A 412 11.32 -0.25 -16.29
C VAL A 412 10.88 -1.39 -15.38
N GLY A 413 11.78 -1.94 -14.57
CA GLY A 413 11.47 -3.06 -13.67
C GLY A 413 11.58 -4.39 -14.37
N VAL A 414 11.80 -5.45 -13.60
CA VAL A 414 12.03 -6.81 -14.16
C VAL A 414 10.93 -7.76 -13.71
N GLY A 415 10.41 -7.64 -12.50
CA GLY A 415 9.36 -8.55 -11.97
C GLY A 415 9.99 -9.81 -11.40
N ASP A 416 9.67 -10.98 -11.95
CA ASP A 416 10.15 -12.27 -11.39
C ASP A 416 11.05 -12.98 -12.41
N ALA A 417 11.63 -12.25 -13.36
CA ALA A 417 12.49 -12.86 -14.39
C ALA A 417 13.84 -13.22 -13.77
N LYS A 418 14.32 -14.44 -14.06
CA LYS A 418 15.62 -14.92 -13.53
C LYS A 418 16.72 -14.70 -14.57
N ASN A 419 16.49 -15.13 -15.81
CA ASN A 419 17.51 -15.03 -16.88
C ASN A 419 17.18 -13.84 -17.79
N THR A 420 18.11 -13.51 -18.67
CA THR A 420 17.96 -12.40 -19.64
C THR A 420 16.86 -12.75 -20.65
N ASP A 421 16.58 -14.03 -20.82
CA ASP A 421 15.55 -14.49 -21.79
C ASP A 421 14.15 -14.02 -21.36
N GLU A 422 13.94 -13.76 -20.07
CA GLU A 422 12.63 -13.29 -19.57
C GLU A 422 12.67 -11.82 -19.17
N ALA A 423 13.84 -11.27 -18.85
CA ALA A 423 14.00 -9.84 -18.53
C ALA A 423 13.70 -8.99 -19.77
N LEU A 424 13.76 -9.57 -20.97
CA LEU A 424 13.35 -8.86 -22.21
C LEU A 424 11.88 -9.11 -22.51
N ASP A 425 11.37 -10.31 -22.25
CA ASP A 425 9.94 -10.61 -22.45
C ASP A 425 9.11 -9.68 -21.56
N TYR A 426 9.53 -9.48 -20.31
CA TYR A 426 8.78 -8.61 -19.38
C TYR A 426 8.79 -7.16 -19.87
N ILE A 427 9.93 -6.68 -20.35
CA ILE A 427 10.01 -5.27 -20.83
C ILE A 427 9.18 -5.13 -22.11
N CYS A 428 9.19 -6.12 -22.98
CA CYS A 428 8.36 -6.07 -24.21
C CYS A 428 6.88 -6.10 -23.83
N LYS A 429 6.50 -6.88 -22.82
CA LYS A 429 5.10 -6.94 -22.34
C LYS A 429 4.71 -5.57 -21.79
N LEU A 430 5.60 -4.93 -21.04
CA LEU A 430 5.31 -3.60 -20.46
C LEU A 430 5.16 -2.58 -21.59
N CYS A 431 6.04 -2.64 -22.58
CA CYS A 431 5.98 -1.69 -23.73
C CYS A 431 4.70 -1.90 -24.52
N ALA A 432 4.24 -3.14 -24.65
CA ALA A 432 3.00 -3.45 -25.40
C ALA A 432 1.80 -2.98 -24.59
N SER A 433 1.81 -3.18 -23.28
CA SER A 433 0.71 -2.74 -22.39
C SER A 433 0.62 -1.20 -22.41
N LEU A 434 1.76 -0.53 -22.47
CA LEU A 434 1.79 0.96 -22.54
C LEU A 434 1.71 1.42 -24.00
N ASP A 435 1.84 0.51 -24.96
CA ASP A 435 1.70 0.81 -26.42
C ASP A 435 2.73 1.87 -26.82
N ALA A 436 3.99 1.53 -26.65
CA ALA A 436 5.13 2.39 -27.05
C ALA A 436 6.09 1.62 -27.95
N SER A 437 6.88 2.36 -28.71
CA SER A 437 7.81 1.80 -29.73
C SER A 437 9.26 2.13 -29.40
N VAL A 438 9.54 3.17 -28.61
CA VAL A 438 10.93 3.56 -28.27
C VAL A 438 11.06 3.64 -26.76
N ILE A 439 12.22 3.27 -26.25
CA ILE A 439 12.54 3.45 -24.82
C ILE A 439 13.61 4.54 -24.73
N ALA A 440 13.18 5.74 -24.36
CA ALA A 440 14.09 6.90 -24.25
C ALA A 440 15.03 6.70 -23.07
N THR A 441 16.33 6.71 -23.33
CA THR A 441 17.38 6.56 -22.32
C THR A 441 18.65 7.20 -22.87
N VAL A 442 19.30 8.00 -22.05
CA VAL A 442 20.51 8.74 -22.51
C VAL A 442 21.62 7.74 -22.82
N LYS A 443 22.30 7.94 -23.94
CA LYS A 443 23.43 7.08 -24.36
C LYS A 443 24.62 7.96 -24.72
N HIS A 444 24.37 9.20 -25.14
CA HIS A 444 25.44 10.15 -25.49
C HIS A 444 25.88 10.92 -24.24
N ASN A 445 24.94 11.56 -23.55
CA ASN A 445 25.26 12.50 -22.45
C ASN A 445 25.20 11.76 -21.10
N LEU A 446 26.14 10.86 -20.87
CA LEU A 446 26.23 10.11 -19.60
C LEU A 446 26.96 10.93 -18.54
N GLU A 447 27.69 11.98 -18.92
CA GLU A 447 28.51 12.77 -17.96
C GLU A 447 27.58 13.50 -16.99
N GLU A 448 26.54 14.15 -17.50
CA GLU A 448 25.58 14.88 -16.63
C GLU A 448 24.89 13.87 -15.70
N LEU A 449 24.49 12.72 -16.22
CA LEU A 449 23.85 11.66 -15.40
C LEU A 449 24.80 11.25 -14.27
N GLU A 450 26.06 10.97 -14.61
CA GLU A 450 27.03 10.48 -13.60
C GLU A 450 27.35 11.59 -12.60
N GLN A 451 27.21 12.86 -12.98
CA GLN A 451 27.64 13.97 -12.09
C GLN A 451 26.50 14.42 -11.18
N VAL A 452 25.24 14.35 -11.62
CA VAL A 452 24.11 14.87 -10.80
C VAL A 452 23.33 13.72 -10.16
N VAL A 453 23.64 12.47 -10.46
CA VAL A 453 22.90 11.32 -9.90
C VAL A 453 23.89 10.47 -9.13
N TYR A 454 24.82 11.12 -8.45
CA TYR A 454 25.81 10.46 -7.55
C TYR A 454 25.09 9.39 -6.72
N LYS A 455 25.47 8.14 -6.90
CA LYS A 455 24.74 7.02 -6.25
C LYS A 455 25.55 6.52 -5.06
N PRO A 456 24.88 6.10 -3.98
CA PRO A 456 25.58 5.58 -2.81
C PRO A 456 26.18 4.18 -3.05
N GLN A 457 26.77 3.62 -2.01
CA GLN A 457 27.38 2.27 -2.05
C GLN A 457 26.76 1.40 -0.97
N LYS A 458 26.73 0.11 -1.21
CA LYS A 458 26.06 -0.87 -0.32
C LYS A 458 27.03 -1.32 0.77
N PHE A 459 26.50 -1.48 1.97
CA PHE A 459 27.30 -1.83 3.17
C PHE A 459 26.57 -2.90 3.96
N PHE A 460 26.22 -4.01 3.30
CA PHE A 460 25.56 -5.16 3.95
C PHE A 460 26.32 -5.55 5.22
N ARG A 461 25.66 -5.44 6.37
CA ARG A 461 26.33 -5.58 7.69
C ARG A 461 25.52 -6.53 8.57
N LYS A 462 25.28 -7.74 8.07
CA LYS A 462 24.55 -8.79 8.83
C LYS A 462 25.14 -8.90 10.24
N VAL A 463 24.27 -9.12 11.23
CA VAL A 463 24.63 -9.06 12.67
C VAL A 463 24.20 -10.36 13.33
N GLU A 464 24.32 -10.41 14.65
CA GLU A 464 24.03 -11.61 15.48
C GLU A 464 22.52 -11.75 15.66
N SER A 465 22.10 -12.62 16.59
CA SER A 465 20.68 -12.99 16.76
C SER A 465 20.35 -13.01 18.25
N ARG A 466 19.24 -13.65 18.59
CA ARG A 466 18.64 -13.62 19.95
C ARG A 466 19.13 -14.81 20.78
N ILE A 467 20.40 -15.18 20.69
CA ILE A 467 21.01 -16.28 21.49
C ILE A 467 20.60 -16.11 22.97
N SER A 468 20.61 -14.88 23.46
CA SER A 468 20.10 -14.53 24.81
C SER A 468 18.59 -14.31 24.69
N ASP A 469 17.80 -15.29 25.11
CA ASP A 469 16.33 -15.29 24.84
C ASP A 469 15.57 -15.63 26.13
N LYS A 470 15.89 -14.96 27.24
CA LYS A 470 15.11 -15.16 28.49
C LYS A 470 13.70 -14.60 28.29
N PHE A 471 13.59 -13.41 27.70
CA PHE A 471 12.28 -12.79 27.39
C PHE A 471 11.49 -13.71 26.45
N LYS A 472 12.16 -14.23 25.43
CA LYS A 472 11.49 -15.12 24.44
C LYS A 472 11.03 -16.39 25.15
N TYR A 473 11.83 -16.92 26.06
CA TYR A 473 11.48 -18.16 26.80
C TYR A 473 10.25 -17.90 27.67
N ILE A 474 10.21 -16.77 28.36
CA ILE A 474 9.07 -16.44 29.26
C ILE A 474 7.81 -16.28 28.41
N ILE A 475 7.91 -15.58 27.29
CA ILE A 475 6.74 -15.33 26.42
C ILE A 475 6.29 -16.67 25.82
N ALA A 476 7.22 -17.54 25.48
CA ALA A 476 6.89 -18.86 24.89
C ALA A 476 6.18 -19.71 25.95
N GLN A 477 6.62 -19.63 27.20
CA GLN A 477 5.98 -20.39 28.30
C GLN A 477 4.54 -19.87 28.48
N LEU A 478 4.37 -18.55 28.48
CA LEU A 478 3.02 -17.97 28.64
C LEU A 478 2.14 -18.39 27.46
N MET A 479 2.69 -18.39 26.25
CA MET A 479 1.94 -18.79 25.04
C MET A 479 1.55 -20.27 25.14
N ARG A 480 2.45 -21.11 25.66
CA ARG A 480 2.15 -22.55 25.82
C ARG A 480 1.03 -22.72 26.85
N ASP A 481 1.07 -21.95 27.94
CA ASP A 481 0.01 -22.05 28.98
C ASP A 481 -1.34 -21.64 28.39
N THR A 482 -1.40 -20.52 27.67
CA THR A 482 -2.68 -20.03 27.11
C THR A 482 -3.15 -20.97 25.99
N GLU A 483 -2.21 -21.59 25.29
CA GLU A 483 -2.57 -22.56 24.22
C GLU A 483 -3.18 -23.81 24.86
N SER A 484 -2.61 -24.26 25.98
CA SER A 484 -3.17 -25.42 26.73
C SER A 484 -4.56 -25.03 27.25
N LEU A 485 -4.71 -23.80 27.74
CA LEU A 485 -6.03 -23.32 28.23
C LEU A 485 -7.05 -23.33 27.07
N ALA A 486 -6.64 -22.90 25.89
CA ALA A 486 -7.52 -22.91 24.69
C ALA A 486 -7.83 -24.35 24.28
N LYS A 487 -6.88 -25.27 24.44
CA LYS A 487 -7.09 -26.70 24.09
C LYS A 487 -7.98 -27.38 25.13
N ARG A 488 -8.10 -26.82 26.33
CA ARG A 488 -9.00 -27.40 27.37
C ARG A 488 -10.44 -27.36 26.90
N ILE A 489 -10.84 -26.31 26.19
CA ILE A 489 -12.24 -26.14 25.72
C ILE A 489 -12.40 -26.72 24.31
N CYS A 490 -11.38 -26.60 23.47
CA CYS A 490 -11.41 -27.11 22.08
C CYS A 490 -10.54 -28.35 22.00
N LYS A 491 -11.16 -29.51 21.80
CA LYS A 491 -10.43 -30.80 21.79
C LYS A 491 -9.55 -30.87 20.55
N ASP A 492 -10.15 -30.73 19.38
CA ASP A 492 -9.44 -30.91 18.09
C ASP A 492 -8.92 -29.56 17.62
N LEU A 493 -7.87 -29.07 18.29
CA LEU A 493 -7.20 -27.80 17.88
C LEU A 493 -5.94 -28.11 17.07
N GLU A 494 -5.86 -29.28 16.44
CA GLU A 494 -4.68 -29.66 15.63
C GLU A 494 -5.06 -30.04 14.20
N ASN A 495 -6.29 -30.47 13.95
CA ASN A 495 -6.72 -30.92 12.60
C ASN A 495 -7.49 -29.82 11.88
N LEU A 496 -7.51 -28.60 12.42
CA LEU A 496 -8.20 -27.46 11.77
C LEU A 496 -7.25 -26.75 10.81
N SER A 497 -5.99 -26.58 11.21
CA SER A 497 -4.94 -25.92 10.39
C SER A 497 -3.76 -26.87 10.28
N GLN A 498 -3.79 -27.76 9.30
CA GLN A 498 -2.76 -28.81 9.13
C GLN A 498 -1.69 -28.26 8.19
N ILE A 499 -0.82 -27.42 8.73
CA ILE A 499 0.23 -26.76 7.90
C ILE A 499 1.59 -27.40 8.20
N GLN A 500 2.03 -27.36 9.46
CA GLN A 500 3.39 -27.77 9.89
C GLN A 500 3.52 -27.54 11.39
N ASN A 501 4.59 -28.02 11.99
CA ASN A 501 4.88 -27.74 13.42
C ASN A 501 5.13 -26.24 13.61
N ARG A 502 4.22 -25.57 14.33
CA ARG A 502 4.30 -24.11 14.55
C ARG A 502 5.51 -23.79 15.43
N GLU A 503 6.10 -22.63 15.20
CA GLU A 503 7.27 -22.14 15.98
C GLU A 503 6.95 -20.75 16.51
N PHE A 504 7.14 -20.52 17.80
CA PHE A 504 6.82 -19.23 18.43
C PHE A 504 7.78 -18.15 17.92
N GLY A 505 7.21 -17.04 17.47
CA GLY A 505 7.97 -15.84 17.06
C GLY A 505 8.10 -15.70 15.56
N THR A 506 7.56 -16.63 14.77
CA THR A 506 7.66 -16.57 13.30
C THR A 506 6.34 -16.18 12.68
N GLN A 507 6.38 -15.78 11.41
CA GLN A 507 5.19 -15.47 10.59
C GLN A 507 4.38 -16.76 10.40
N LYS A 508 5.02 -17.91 10.44
CA LYS A 508 4.32 -19.21 10.32
C LYS A 508 3.33 -19.36 11.48
N TYR A 509 3.71 -18.96 12.68
CA TYR A 509 2.81 -19.05 13.86
C TYR A 509 1.65 -18.06 13.69
N GLU A 510 1.92 -16.90 13.12
CA GLU A 510 0.84 -15.90 12.89
C GLU A 510 -0.17 -16.48 11.89
N GLN A 511 0.31 -17.07 10.81
CA GLN A 511 -0.59 -17.71 9.83
C GLN A 511 -1.35 -18.86 10.50
N TRP A 512 -0.68 -19.64 11.34
CA TRP A 512 -1.33 -20.78 12.03
C TRP A 512 -2.46 -20.27 12.92
N ILE A 513 -2.20 -19.22 13.70
CA ILE A 513 -3.21 -18.72 14.66
C ILE A 513 -4.36 -18.08 13.87
N VAL A 514 -4.07 -17.41 12.77
CA VAL A 514 -5.13 -16.80 11.93
C VAL A 514 -6.01 -17.93 11.36
N THR A 515 -5.38 -18.99 10.86
CA THR A 515 -6.12 -20.12 10.24
C THR A 515 -6.97 -20.81 11.29
N VAL A 516 -6.43 -21.05 12.49
CA VAL A 516 -7.19 -21.77 13.53
C VAL A 516 -8.31 -20.87 14.04
N GLN A 517 -8.10 -19.55 14.06
CA GLN A 517 -9.17 -18.60 14.48
C GLN A 517 -10.30 -18.64 13.44
N LYS A 518 -9.97 -18.59 12.17
CA LYS A 518 -10.99 -18.62 11.09
C LYS A 518 -11.65 -19.99 11.01
N ALA A 519 -11.00 -21.06 11.49
CA ALA A 519 -11.58 -22.43 11.46
C ALA A 519 -12.48 -22.64 12.68
N CYS A 520 -12.13 -22.08 13.84
CA CYS A 520 -12.95 -22.22 15.07
C CYS A 520 -14.05 -21.14 15.11
N MET A 521 -13.98 -20.14 14.23
CA MET A 521 -15.00 -19.07 14.18
C MET A 521 -16.31 -19.64 13.62
N VAL A 522 -16.25 -20.80 12.97
CA VAL A 522 -17.44 -21.42 12.34
C VAL A 522 -17.80 -22.71 13.05
N PHE A 523 -17.30 -22.93 14.27
CA PHE A 523 -17.63 -24.13 15.07
C PHE A 523 -19.10 -24.03 15.50
N GLN A 524 -19.95 -24.87 14.93
CA GLN A 524 -21.41 -24.81 15.16
C GLN A 524 -21.84 -25.90 16.15
N MET A 525 -22.69 -25.53 17.09
CA MET A 525 -23.32 -26.49 18.03
C MET A 525 -24.77 -26.06 18.20
N PRO A 526 -25.74 -27.00 18.22
CA PRO A 526 -27.16 -26.65 18.27
C PRO A 526 -27.62 -26.20 19.66
N ASP A 527 -27.02 -25.14 20.19
CA ASP A 527 -27.44 -24.54 21.48
C ASP A 527 -27.61 -23.04 21.32
N LYS A 528 -26.80 -22.43 20.44
CA LYS A 528 -26.87 -20.98 20.08
C LYS A 528 -26.42 -20.11 21.25
N ASP A 529 -26.10 -20.68 22.41
CA ASP A 529 -25.55 -19.90 23.53
C ASP A 529 -24.23 -20.50 24.01
N GLU A 530 -24.17 -21.82 24.20
CA GLU A 530 -22.90 -22.48 24.61
C GLU A 530 -21.90 -22.40 23.47
N GLU A 531 -22.37 -22.61 22.23
CA GLU A 531 -21.50 -22.44 21.05
C GLU A 531 -21.02 -20.99 20.98
N SER A 532 -21.87 -20.03 21.32
CA SER A 532 -21.51 -18.59 21.30
C SER A 532 -20.39 -18.35 22.32
N ARG A 533 -20.54 -18.86 23.53
CA ARG A 533 -19.52 -18.70 24.59
C ARG A 533 -18.22 -19.37 24.15
N ILE A 534 -18.32 -20.54 23.53
CA ILE A 534 -17.10 -21.29 23.09
C ILE A 534 -16.38 -20.48 22.02
N CYS A 535 -17.10 -19.96 21.04
CA CYS A 535 -16.49 -19.16 19.96
C CYS A 535 -15.88 -17.88 20.57
N LYS A 536 -16.54 -17.29 21.55
CA LYS A 536 -16.02 -16.06 22.21
C LYS A 536 -14.70 -16.38 22.89
N ALA A 537 -14.66 -17.45 23.68
CA ALA A 537 -13.43 -17.84 24.41
C ALA A 537 -12.32 -18.16 23.40
N LEU A 538 -12.64 -18.87 22.32
CA LEU A 538 -11.62 -19.26 21.32
C LEU A 538 -11.10 -18.02 20.61
N PHE A 539 -11.98 -17.07 20.28
CA PHE A 539 -11.56 -15.82 19.60
C PHE A 539 -10.64 -15.03 20.55
N LEU A 540 -11.00 -14.95 21.83
CA LEU A 540 -10.15 -14.21 22.80
C LEU A 540 -8.78 -14.89 22.90
N TYR A 541 -8.75 -16.21 23.00
CA TYR A 541 -7.47 -16.95 23.12
C TYR A 541 -6.62 -16.75 21.86
N THR A 542 -7.23 -16.83 20.69
CA THR A 542 -6.49 -16.69 19.42
C THR A 542 -5.97 -15.25 19.29
N SER A 543 -6.76 -14.26 19.70
CA SER A 543 -6.34 -12.85 19.64
C SER A 543 -5.17 -12.63 20.60
N HIS A 544 -5.24 -13.21 21.78
CA HIS A 544 -4.12 -13.08 22.76
C HIS A 544 -2.87 -13.76 22.21
N LEU A 545 -3.02 -14.91 21.58
CA LEU A 545 -1.85 -15.63 21.00
C LEU A 545 -1.25 -14.81 19.86
N ARG A 546 -2.10 -14.21 19.02
CA ARG A 546 -1.61 -13.36 17.91
C ARG A 546 -0.86 -12.16 18.48
N LYS A 547 -1.40 -11.54 19.53
CA LYS A 547 -0.74 -10.38 20.15
C LYS A 547 0.59 -10.80 20.77
N TYR A 548 0.65 -11.97 21.39
CA TYR A 548 1.92 -12.49 21.97
C TYR A 548 2.94 -12.75 20.87
N ASN A 549 2.50 -13.27 19.74
CA ASN A 549 3.41 -13.53 18.60
C ASN A 549 3.93 -12.21 18.03
N ASP A 550 3.06 -11.22 17.90
CA ASP A 550 3.48 -9.88 17.44
C ASP A 550 4.49 -9.29 18.42
N ALA A 551 4.26 -9.47 19.72
CA ALA A 551 5.19 -8.97 20.76
C ALA A 551 6.53 -9.70 20.64
N LEU A 552 6.51 -10.99 20.36
CA LEU A 552 7.76 -11.76 20.18
C LEU A 552 8.53 -11.22 18.96
N ILE A 553 7.83 -10.93 17.88
CA ILE A 553 8.48 -10.40 16.65
C ILE A 553 9.07 -9.03 16.97
N ILE A 554 8.33 -8.21 17.71
CA ILE A 554 8.81 -6.84 18.07
C ILE A 554 10.04 -6.97 18.98
N SER A 555 10.04 -7.91 19.91
CA SER A 555 11.17 -8.11 20.84
C SER A 555 12.38 -8.66 20.07
N GLU A 556 12.14 -9.44 19.02
CA GLU A 556 13.25 -9.99 18.20
C GLU A 556 13.84 -8.87 17.34
N HIS A 557 13.01 -7.95 16.84
CA HIS A 557 13.48 -6.90 15.90
C HIS A 557 13.84 -5.61 16.63
N ALA A 558 13.63 -5.51 17.93
CA ALA A 558 13.93 -4.28 18.70
C ALA A 558 14.19 -4.64 20.15
N ARG A 559 14.21 -3.64 21.03
CA ARG A 559 14.39 -3.87 22.48
C ARG A 559 13.21 -4.69 23.02
N MET A 560 13.44 -5.38 24.11
CA MET A 560 12.37 -6.13 24.80
C MET A 560 11.44 -5.15 25.52
N LYS A 561 11.94 -3.97 25.90
CA LYS A 561 11.14 -3.01 26.68
C LYS A 561 9.97 -2.48 25.85
N ASP A 562 10.18 -2.19 24.57
CA ASP A 562 9.07 -1.69 23.72
C ASP A 562 8.06 -2.82 23.44
N ALA A 563 8.51 -4.06 23.33
CA ALA A 563 7.57 -5.20 23.17
C ALA A 563 6.73 -5.34 24.44
N LEU A 564 7.35 -5.20 25.61
CA LEU A 564 6.61 -5.26 26.88
C LEU A 564 5.63 -4.07 26.96
N ASP A 565 6.04 -2.90 26.50
CA ASP A 565 5.16 -1.71 26.49
C ASP A 565 3.99 -1.95 25.54
N TYR A 566 4.23 -2.62 24.41
CA TYR A 566 3.15 -2.94 23.44
C TYR A 566 2.16 -3.91 24.08
N LEU A 567 2.67 -4.92 24.77
CA LEU A 567 1.79 -5.89 25.48
C LEU A 567 0.99 -5.14 26.56
N LYS A 568 1.62 -4.23 27.28
CA LYS A 568 0.95 -3.47 28.36
C LYS A 568 -0.12 -2.57 27.74
N ASP A 569 0.16 -1.99 26.57
CA ASP A 569 -0.81 -1.10 25.88
C ASP A 569 -2.01 -1.94 25.43
N PHE A 570 -1.76 -3.13 24.91
CA PHE A 570 -2.85 -4.03 24.48
C PHE A 570 -3.71 -4.41 25.70
N PHE A 571 -3.05 -4.74 26.82
CA PHE A 571 -3.78 -5.13 28.05
C PHE A 571 -4.55 -3.94 28.62
N SER A 572 -4.04 -2.72 28.46
CA SER A 572 -4.74 -1.51 28.94
C SER A 572 -5.94 -1.20 28.03
N ASN A 573 -5.79 -1.44 26.73
CA ASN A 573 -6.88 -1.22 25.75
C ASN A 573 -7.99 -2.24 25.98
N VAL A 574 -7.65 -3.49 26.31
CA VAL A 574 -8.68 -4.52 26.61
C VAL A 574 -9.18 -4.33 28.05
N ARG A 575 -8.43 -3.64 28.91
CA ARG A 575 -8.86 -3.41 30.32
C ARG A 575 -10.13 -2.54 30.34
N ALA A 576 -10.15 -1.46 29.56
CA ALA A 576 -11.30 -0.53 29.50
C ALA A 576 -12.35 -1.04 28.49
N ALA A 577 -12.29 -2.31 28.07
CA ALA A 577 -13.20 -2.86 27.05
C ALA A 577 -14.04 -4.00 27.63
N GLY A 578 -14.32 -3.99 28.93
CA GLY A 578 -15.21 -4.96 29.58
C GLY A 578 -14.43 -6.06 30.29
N PHE A 579 -14.79 -6.33 31.54
CA PHE A 579 -14.16 -7.40 32.35
C PHE A 579 -15.07 -8.61 32.39
N ASP A 580 -14.84 -9.54 31.46
CA ASP A 580 -15.44 -10.89 31.57
C ASP A 580 -14.42 -11.85 32.17
N GLU A 581 -14.81 -13.11 32.38
CA GLU A 581 -13.92 -14.06 33.11
C GLU A 581 -12.67 -14.37 32.28
N ILE A 582 -12.78 -14.45 30.97
CA ILE A 582 -11.66 -14.94 30.11
C ILE A 582 -10.54 -13.90 30.09
N GLU A 583 -10.88 -12.65 29.77
CA GLU A 583 -9.85 -11.58 29.70
C GLU A 583 -9.31 -11.32 31.11
N GLN A 584 -10.15 -11.48 32.14
CA GLN A 584 -9.69 -11.30 33.54
C GLN A 584 -8.64 -12.36 33.87
N ASP A 585 -8.93 -13.62 33.56
CA ASP A 585 -7.99 -14.74 33.82
C ASP A 585 -6.69 -14.49 33.04
N LEU A 586 -6.80 -14.08 31.78
CA LEU A 586 -5.59 -13.87 30.94
C LEU A 586 -4.77 -12.71 31.51
N THR A 587 -5.41 -11.63 31.93
CA THR A 587 -4.69 -10.47 32.49
C THR A 587 -4.02 -10.86 33.81
N GLN A 588 -4.69 -11.67 34.61
CA GLN A 588 -4.10 -12.14 35.89
C GLN A 588 -2.87 -13.00 35.59
N ARG A 589 -2.98 -13.94 34.65
CA ARG A 589 -1.85 -14.82 34.29
C ARG A 589 -0.71 -13.97 33.71
N PHE A 590 -1.02 -12.87 33.05
CA PHE A 590 0.03 -11.98 32.49
C PHE A 590 0.72 -11.21 33.62
N GLU A 591 -0.05 -10.63 34.52
CA GLU A 591 0.54 -9.82 35.64
C GLU A 591 1.25 -10.76 36.61
N GLU A 592 0.99 -12.06 36.55
CA GLU A 592 1.76 -13.04 37.37
C GLU A 592 3.25 -12.95 37.02
N LYS A 593 3.59 -12.82 35.73
CA LYS A 593 4.99 -12.79 35.27
C LYS A 593 5.36 -11.41 34.76
N LEU A 594 4.48 -10.42 34.87
CA LEU A 594 4.79 -9.03 34.41
C LEU A 594 6.02 -8.50 35.16
N GLN A 595 6.18 -8.84 36.43
CA GLN A 595 7.34 -8.36 37.23
C GLN A 595 8.63 -8.94 36.66
N GLU A 596 8.65 -10.23 36.39
CA GLU A 596 9.85 -10.88 35.79
C GLU A 596 10.11 -10.27 34.42
N LEU A 597 9.05 -9.97 33.67
CA LEU A 597 9.20 -9.37 32.32
C LEU A 597 9.85 -7.99 32.45
N GLU A 598 9.35 -7.16 33.37
CA GLU A 598 9.91 -5.80 33.58
C GLU A 598 11.38 -5.93 34.00
N SER A 599 11.71 -6.91 34.86
CA SER A 599 13.09 -7.08 35.35
C SER A 599 14.01 -7.45 34.18
N VAL A 600 13.61 -8.43 33.38
CA VAL A 600 14.48 -8.93 32.28
C VAL A 600 14.59 -7.85 31.21
N SER A 601 13.55 -7.04 31.02
CA SER A 601 13.60 -5.94 30.02
C SER A 601 14.52 -4.83 30.53
N ARG A 602 14.47 -4.53 31.82
CA ARG A 602 15.34 -3.48 32.41
C ARG A 602 16.78 -3.96 32.50
N ASP A 603 17.01 -5.28 32.46
CA ASP A 603 18.38 -5.85 32.46
C ASP A 603 19.15 -5.25 31.29
N PRO A 604 20.22 -4.47 31.54
CA PRO A 604 20.95 -3.80 30.47
C PRO A 604 21.86 -4.70 29.63
N SER A 605 21.91 -6.00 29.93
CA SER A 605 22.77 -6.97 29.20
C SER A 605 21.98 -7.68 28.09
N ASN A 606 20.70 -7.37 27.92
CA ASN A 606 19.84 -8.06 26.92
C ASN A 606 19.61 -7.15 25.71
N GLU A 607 20.50 -6.21 25.44
CA GLU A 607 20.37 -5.31 24.26
C GLU A 607 20.57 -6.13 22.97
N ASN A 608 19.74 -5.86 21.98
CA ASN A 608 19.82 -6.59 20.69
C ASN A 608 21.08 -6.18 19.95
N PRO A 609 21.88 -7.13 19.45
CA PRO A 609 23.06 -6.79 18.65
C PRO A 609 22.71 -5.98 17.39
N LYS A 610 21.50 -6.15 16.87
CA LYS A 610 21.01 -5.33 15.75
C LYS A 610 21.03 -3.86 16.14
N LEU A 611 20.44 -3.52 17.28
CA LEU A 611 20.40 -2.12 17.77
C LEU A 611 21.81 -1.67 18.16
N GLU A 612 22.63 -2.57 18.71
CA GLU A 612 24.02 -2.21 19.08
C GLU A 612 24.77 -1.77 17.82
N ASP A 613 24.74 -2.58 16.77
CA ASP A 613 25.45 -2.25 15.51
C ASP A 613 24.80 -1.01 14.86
N LEU A 614 23.49 -0.86 14.99
CA LEU A 614 22.80 0.32 14.39
C LEU A 614 23.31 1.60 15.05
N CYS A 615 23.30 1.66 16.38
CA CYS A 615 23.76 2.87 17.09
C CYS A 615 25.27 3.05 16.88
N PHE A 616 26.01 1.95 16.75
CA PHE A 616 27.47 2.02 16.52
C PHE A 616 27.74 2.69 15.17
N ILE A 617 27.07 2.24 14.12
CA ILE A 617 27.30 2.79 12.77
C ILE A 617 26.74 4.21 12.70
N LEU A 618 25.67 4.49 13.45
CA LEU A 618 25.09 5.86 13.49
C LEU A 618 26.13 6.82 14.09
N GLN A 619 26.69 6.48 15.25
CA GLN A 619 27.67 7.36 15.91
C GLN A 619 28.94 7.42 15.07
N GLU A 620 29.31 6.34 14.38
CA GLU A 620 30.48 6.35 13.48
C GLU A 620 30.27 7.39 12.36
N GLU A 621 29.12 7.33 11.69
CA GLU A 621 28.83 8.24 10.56
C GLU A 621 28.70 9.67 11.07
N TYR A 622 28.15 9.87 12.26
CA TYR A 622 27.95 11.23 12.79
C TYR A 622 29.25 11.81 13.35
N HIS A 623 30.20 10.97 13.73
CA HIS A 623 31.57 11.45 14.10
C HIS A 623 32.36 11.75 12.84
N LEU A 624 32.17 10.96 11.78
CA LEU A 624 32.83 11.21 10.47
C LEU A 624 32.30 12.54 9.91
N ASN A 625 31.00 12.80 10.06
CA ASN A 625 30.39 14.05 9.58
C ASN A 625 29.23 14.41 10.50
N PRO A 626 29.31 15.52 11.26
CA PRO A 626 28.22 15.89 12.15
C PRO A 626 26.93 16.32 11.42
N GLU A 627 27.06 16.87 10.21
CA GLU A 627 25.90 17.27 9.38
C GLU A 627 25.65 16.17 8.36
N THR A 628 24.93 15.14 8.78
CA THR A 628 24.53 14.01 7.90
C THR A 628 23.05 13.74 8.14
N ILE A 629 22.22 14.20 7.22
CA ILE A 629 20.75 13.96 7.29
C ILE A 629 20.49 12.56 6.77
N THR A 630 20.15 11.64 7.67
CA THR A 630 20.02 10.20 7.35
C THR A 630 18.54 9.82 7.26
N ILE A 631 18.29 8.62 6.78
CA ILE A 631 16.93 8.06 6.67
C ILE A 631 17.03 6.54 6.76
N LEU A 632 16.17 5.94 7.58
CA LEU A 632 16.14 4.47 7.73
C LEU A 632 14.72 3.96 7.46
N PHE A 633 14.66 2.82 6.79
CA PHE A 633 13.39 2.17 6.41
C PHE A 633 13.16 0.96 7.30
N VAL A 634 11.97 0.90 7.86
CA VAL A 634 11.55 -0.20 8.77
C VAL A 634 10.22 -0.75 8.26
N LYS A 635 10.09 -2.07 8.30
CA LYS A 635 8.91 -2.78 7.77
C LYS A 635 7.66 -2.42 8.57
N THR A 636 7.62 -2.78 9.85
CA THR A 636 6.40 -2.67 10.67
C THR A 636 6.28 -1.26 11.23
N ARG A 637 5.06 -0.82 11.51
CA ARG A 637 4.79 0.51 12.11
C ARG A 637 4.96 0.48 13.63
N ALA A 638 4.56 -0.60 14.30
CA ALA A 638 4.87 -0.78 15.73
C ALA A 638 6.39 -0.80 15.91
N LEU A 639 7.11 -1.45 15.00
CA LEU A 639 8.58 -1.44 15.03
C LEU A 639 9.10 -0.03 14.79
N VAL A 640 8.42 0.75 13.95
CA VAL A 640 8.81 2.16 13.71
C VAL A 640 8.67 2.96 15.01
N ASP A 641 7.55 2.80 15.70
CA ASP A 641 7.35 3.46 17.02
C ASP A 641 8.44 3.01 17.99
N ALA A 642 8.80 1.73 17.97
CA ALA A 642 9.83 1.17 18.87
C ALA A 642 11.18 1.85 18.58
N LEU A 643 11.56 1.94 17.31
CA LEU A 643 12.84 2.59 16.92
C LEU A 643 12.80 4.05 17.31
N LYS A 644 11.67 4.73 17.14
CA LYS A 644 11.56 6.16 17.52
C LYS A 644 11.79 6.29 19.02
N ASN A 645 11.12 5.47 19.82
CA ASN A 645 11.28 5.53 21.30
C ASN A 645 12.71 5.18 21.70
N TRP A 646 13.35 4.27 20.97
CA TRP A 646 14.74 3.86 21.28
C TRP A 646 15.71 5.01 20.99
N ILE A 647 15.51 5.69 19.86
CA ILE A 647 16.38 6.84 19.51
C ILE A 647 16.12 7.98 20.50
N GLU A 648 14.88 8.11 20.97
CA GLU A 648 14.55 9.18 21.97
C GLU A 648 15.25 8.88 23.29
N GLY A 649 14.94 7.73 23.90
CA GLY A 649 15.44 7.36 25.24
C GLY A 649 16.75 6.61 25.19
N ASN A 650 17.82 7.22 24.70
CA ASN A 650 19.15 6.55 24.64
C ASN A 650 20.20 7.54 25.08
N PRO A 651 21.03 7.22 26.09
CA PRO A 651 22.08 8.14 26.54
C PRO A 651 23.25 8.26 25.55
N LYS A 652 23.54 7.19 24.82
CA LYS A 652 24.71 7.16 23.90
C LYS A 652 24.54 8.21 22.80
N LEU A 653 23.38 8.22 22.15
CA LEU A 653 23.08 9.18 21.06
C LEU A 653 21.91 10.05 21.50
N SER A 654 22.11 11.36 21.52
CA SER A 654 21.08 12.35 21.93
C SER A 654 21.06 13.54 20.98
N PHE A 655 21.63 13.42 19.78
CA PHE A 655 21.71 14.52 18.80
C PHE A 655 20.80 14.20 17.61
N LEU A 656 19.72 13.47 17.84
CA LEU A 656 18.80 13.05 16.75
C LEU A 656 17.36 13.35 17.15
N LYS A 657 16.62 14.02 16.27
CA LYS A 657 15.18 14.29 16.49
C LYS A 657 14.38 13.26 15.70
N PRO A 658 13.84 12.21 16.35
CA PRO A 658 13.14 11.15 15.64
C PRO A 658 11.74 11.58 15.15
N GLY A 659 11.70 12.26 14.01
CA GLY A 659 10.43 12.65 13.36
C GLY A 659 9.75 11.45 12.72
N ILE A 660 8.63 11.00 13.28
CA ILE A 660 7.89 9.84 12.71
C ILE A 660 7.35 10.18 11.32
N LEU A 661 7.31 9.19 10.45
CA LEU A 661 6.72 9.33 9.10
C LEU A 661 6.20 7.97 8.67
N THR A 662 4.88 7.78 8.72
CA THR A 662 4.23 6.48 8.42
C THR A 662 3.37 6.62 7.17
N GLY A 663 2.48 7.61 7.15
CA GLY A 663 1.57 7.85 6.02
C GLY A 663 0.13 7.53 6.35
N ARG A 664 -0.77 7.71 5.39
CA ARG A 664 -2.22 7.49 5.61
C ARG A 664 -2.46 6.01 5.92
N GLY A 665 -1.88 5.13 5.11
CA GLY A 665 -2.07 3.67 5.22
C GLY A 665 -3.54 3.28 5.11
N LYS A 666 -4.08 2.67 6.16
CA LYS A 666 -5.50 2.22 6.16
C LYS A 666 -6.36 3.33 6.79
N THR A 667 -7.37 3.78 6.07
CA THR A 667 -8.24 4.90 6.48
C THR A 667 -9.46 4.37 7.23
N ASN A 668 -9.26 3.56 8.26
CA ASN A 668 -10.39 3.00 9.04
C ASN A 668 -10.20 3.15 10.55
N GLN A 669 -8.97 3.12 11.07
CA GLN A 669 -8.71 3.17 12.53
C GLN A 669 -7.90 4.42 12.87
N ASN A 670 -7.54 4.56 14.15
CA ASN A 670 -6.81 5.73 14.67
C ASN A 670 -5.32 5.68 14.31
N THR A 671 -4.89 4.70 13.53
CA THR A 671 -3.46 4.55 13.15
C THR A 671 -3.14 5.47 11.97
N GLY A 672 -1.89 5.45 11.53
CA GLY A 672 -1.42 6.28 10.42
C GLY A 672 -1.39 7.76 10.77
N MET A 673 -1.27 8.60 9.75
CA MET A 673 -1.18 10.06 9.93
C MET A 673 -1.82 10.74 8.74
N THR A 674 -2.24 11.99 8.93
CA THR A 674 -2.97 12.76 7.90
C THR A 674 -1.97 13.31 6.87
N LEU A 675 -2.50 13.66 5.70
CA LEU A 675 -1.70 14.26 4.60
C LEU A 675 -1.16 15.63 5.01
N PRO A 676 -1.95 16.55 5.61
CA PRO A 676 -1.39 17.83 6.06
C PRO A 676 -0.34 17.69 7.17
N ALA A 677 -0.39 16.61 7.95
CA ALA A 677 0.65 16.34 8.98
C ALA A 677 1.91 15.79 8.30
N GLN A 678 1.75 14.89 7.34
CA GLN A 678 2.90 14.33 6.59
C GLN A 678 3.59 15.47 5.83
N LYS A 679 2.82 16.40 5.26
CA LYS A 679 3.40 17.54 4.51
C LYS A 679 4.23 18.40 5.47
N CYS A 680 3.73 18.67 6.68
CA CYS A 680 4.45 19.48 7.68
C CYS A 680 5.72 18.76 8.12
N ILE A 681 5.63 17.45 8.32
CA ILE A 681 6.82 16.65 8.76
C ILE A 681 7.87 16.69 7.65
N LEU A 682 7.46 16.57 6.39
CA LEU A 682 8.43 16.60 5.26
C LEU A 682 8.97 18.01 5.05
N ASP A 683 8.21 19.04 5.37
CA ASP A 683 8.67 20.44 5.20
C ASP A 683 9.61 20.82 6.35
N ALA A 684 9.47 20.20 7.52
CA ALA A 684 10.35 20.45 8.68
C ALA A 684 11.56 19.51 8.59
N PHE A 685 11.91 19.05 7.40
CA PHE A 685 13.00 18.07 7.19
C PHE A 685 14.17 18.75 6.49
N LYS A 686 14.48 19.98 6.87
CA LYS A 686 15.63 20.73 6.28
C LYS A 686 16.91 20.48 7.06
N GLY A 689 16.86 23.43 9.70
CA GLY A 689 15.93 22.31 9.96
C GLY A 689 15.96 21.85 11.41
N ASP A 690 14.87 21.25 11.87
CA ASP A 690 14.73 20.77 13.26
C ASP A 690 14.60 19.25 13.27
N HIS A 691 14.91 18.58 12.17
CA HIS A 691 14.83 17.09 12.09
C HIS A 691 16.00 16.58 11.25
N ASN A 692 16.65 15.54 11.75
CA ASN A 692 17.81 14.92 11.06
C ASN A 692 17.49 13.45 10.73
N ILE A 693 16.97 12.71 11.69
CA ILE A 693 16.61 11.28 11.48
C ILE A 693 15.09 11.14 11.46
N LEU A 694 14.62 10.15 10.74
CA LEU A 694 13.16 9.87 10.63
C LEU A 694 12.97 8.38 10.35
N ILE A 695 11.87 7.85 10.84
CA ILE A 695 11.56 6.40 10.71
C ILE A 695 10.42 6.27 9.71
N ALA A 696 10.69 5.63 8.58
CA ALA A 696 9.70 5.48 7.48
C ALA A 696 9.34 4.01 7.28
N THR A 697 8.16 3.80 6.69
CA THR A 697 7.68 2.45 6.31
C THR A 697 7.42 2.45 4.82
N SER A 698 8.47 2.22 4.03
CA SER A 698 8.37 2.10 2.55
C SER A 698 7.65 3.33 1.96
N VAL A 699 7.40 4.36 2.76
CA VAL A 699 6.75 5.62 2.27
C VAL A 699 7.83 6.61 1.89
N ALA A 700 9.07 6.39 2.35
CA ALA A 700 10.19 7.31 2.11
C ALA A 700 10.29 7.63 0.62
N ASP A 701 10.29 6.61 -0.23
CA ASP A 701 10.36 6.73 -1.72
C ASP A 701 8.97 6.99 -2.28
N GLU A 702 8.47 6.10 -3.15
CA GLU A 702 7.13 6.13 -3.80
C GLU A 702 6.94 7.41 -4.62
N GLY A 703 7.99 7.98 -5.20
CA GLY A 703 7.91 9.18 -6.07
C GLY A 703 7.95 10.49 -5.30
N ILE A 704 7.18 10.61 -4.21
CA ILE A 704 7.03 11.85 -3.40
C ILE A 704 8.42 12.46 -3.10
N ASP A 705 8.56 13.77 -3.32
CA ASP A 705 9.82 14.54 -3.08
C ASP A 705 10.18 14.51 -1.59
N ILE A 706 11.47 14.54 -1.27
CA ILE A 706 11.96 14.46 0.14
C ILE A 706 13.02 15.54 0.36
N ALA A 707 14.30 15.20 0.20
CA ALA A 707 15.46 16.02 0.61
C ALA A 707 16.76 15.34 0.14
N GLN A 708 17.89 15.99 0.38
CA GLN A 708 19.22 15.43 0.00
C GLN A 708 19.74 14.59 1.16
N CYS A 709 19.25 13.37 1.25
CA CYS A 709 19.65 12.42 2.32
C CYS A 709 20.89 11.67 1.86
N ASN A 710 21.99 11.80 2.61
CA ASN A 710 23.29 11.21 2.25
C ASN A 710 23.56 9.95 3.06
N LEU A 711 22.51 9.30 3.57
CA LEU A 711 22.67 8.03 4.33
C LEU A 711 21.32 7.32 4.38
N VAL A 712 21.30 6.07 3.94
CA VAL A 712 20.08 5.22 4.01
C VAL A 712 20.43 3.98 4.83
N ILE A 713 19.48 3.55 5.65
CA ILE A 713 19.64 2.34 6.49
C ILE A 713 18.39 1.49 6.33
N LEU A 714 18.51 0.37 5.63
CA LEU A 714 17.37 -0.55 5.44
C LEU A 714 17.32 -1.50 6.62
N TYR A 715 16.74 -1.05 7.73
CA TYR A 715 16.73 -1.84 8.98
C TYR A 715 15.72 -2.98 8.84
N GLU A 716 16.22 -4.19 8.58
CA GLU A 716 15.39 -5.40 8.37
C GLU A 716 14.37 -5.13 7.26
N TYR A 717 14.81 -4.50 6.19
CA TYR A 717 13.95 -4.12 5.05
C TYR A 717 14.46 -4.81 3.79
N VAL A 718 13.53 -5.16 2.92
CA VAL A 718 13.86 -5.85 1.65
C VAL A 718 12.78 -5.50 0.63
N GLY A 719 13.19 -5.34 -0.62
CA GLY A 719 12.27 -5.06 -1.71
C GLY A 719 12.72 -5.69 -3.01
N ASN A 720 11.98 -5.43 -4.07
CA ASN A 720 12.29 -5.95 -5.42
C ASN A 720 13.20 -4.94 -6.14
N VAL A 721 13.38 -5.11 -7.44
CA VAL A 721 14.36 -4.29 -8.21
C VAL A 721 13.90 -2.82 -8.22
N ILE A 722 12.63 -2.56 -8.44
CA ILE A 722 12.12 -1.16 -8.50
C ILE A 722 12.25 -0.50 -7.13
N LYS A 723 11.94 -1.23 -6.06
CA LYS A 723 12.03 -0.69 -4.69
C LYS A 723 13.50 -0.39 -4.38
N MET A 724 14.41 -1.28 -4.78
CA MET A 724 15.86 -1.09 -4.52
C MET A 724 16.35 0.14 -5.30
N ILE A 725 15.92 0.30 -6.56
CA ILE A 725 16.36 1.45 -7.38
C ILE A 725 15.80 2.73 -6.77
N GLN A 726 14.57 2.70 -6.26
CA GLN A 726 13.95 3.91 -5.67
C GLN A 726 14.66 4.27 -4.37
N THR A 727 14.96 3.29 -3.52
CA THR A 727 15.62 3.55 -2.22
C THR A 727 17.07 3.96 -2.45
N ARG A 728 17.70 3.50 -3.53
CA ARG A 728 19.11 3.84 -3.80
C ARG A 728 19.20 5.28 -4.33
N GLY A 729 18.24 5.70 -5.15
CA GLY A 729 18.22 7.04 -5.75
C GLY A 729 18.05 8.15 -4.74
N ARG A 730 17.67 7.85 -3.50
CA ARG A 730 17.44 8.89 -2.47
C ARG A 730 18.76 9.54 -2.05
N GLY A 731 19.87 8.80 -2.15
CA GLY A 731 21.21 9.35 -1.91
C GLY A 731 21.75 10.00 -3.16
N ARG A 732 21.61 11.32 -3.32
CA ARG A 732 22.01 12.02 -4.57
C ARG A 732 23.21 12.95 -4.32
N ALA A 733 23.40 13.44 -3.10
CA ALA A 733 24.54 14.33 -2.76
C ALA A 733 25.86 13.57 -2.93
N ARG A 734 26.95 14.33 -3.03
CA ARG A 734 28.30 13.74 -3.19
C ARG A 734 28.67 12.99 -1.91
N GLY A 735 28.63 11.65 -1.96
CA GLY A 735 29.01 10.80 -0.81
C GLY A 735 27.79 10.37 -0.03
N SER A 736 27.40 9.11 -0.18
CA SER A 736 26.25 8.53 0.54
C SER A 736 26.48 7.03 0.74
N LYS A 737 25.65 6.42 1.57
CA LYS A 737 25.73 4.97 1.84
C LYS A 737 24.33 4.39 1.90
N CYS A 738 24.23 3.08 1.73
CA CYS A 738 22.95 2.34 1.68
C CYS A 738 23.07 1.15 2.63
N PHE A 739 23.41 1.41 3.88
CA PHE A 739 23.61 0.35 4.90
C PHE A 739 22.39 -0.58 4.94
N LEU A 740 22.66 -1.88 5.06
CA LEU A 740 21.62 -2.93 5.17
C LEU A 740 21.95 -3.79 6.38
N LEU A 741 21.24 -3.58 7.47
CA LEU A 741 21.41 -4.40 8.69
C LEU A 741 20.37 -5.50 8.71
N THR A 742 20.77 -6.69 9.12
CA THR A 742 19.85 -7.85 9.18
C THR A 742 20.46 -9.00 9.97
N SER A 743 19.65 -10.02 10.22
CA SER A 743 20.10 -11.27 10.87
C SER A 743 19.84 -12.46 9.95
N ASN A 744 18.85 -12.33 9.06
CA ASN A 744 18.51 -13.42 8.12
C ASN A 744 19.27 -13.22 6.82
N ALA A 745 19.89 -14.28 6.32
CA ALA A 745 20.66 -14.25 5.05
C ALA A 745 19.71 -14.13 3.86
N GLY A 746 18.41 -14.33 4.05
CA GLY A 746 17.41 -14.27 2.96
C GLY A 746 17.40 -12.92 2.28
N VAL A 747 17.34 -11.85 3.06
CA VAL A 747 17.29 -10.47 2.50
C VAL A 747 18.64 -10.15 1.88
N ILE A 748 19.72 -10.72 2.40
CA ILE A 748 21.07 -10.54 1.80
C ILE A 748 21.08 -11.17 0.41
N GLU A 749 20.54 -12.38 0.27
CA GLU A 749 20.48 -13.07 -1.04
C GLU A 749 19.57 -12.27 -1.98
N LYS A 750 18.46 -11.75 -1.46
CA LYS A 750 17.53 -10.94 -2.28
C LYS A 750 18.24 -9.70 -2.82
N GLU A 751 18.99 -9.00 -1.97
CA GLU A 751 19.72 -7.80 -2.42
C GLU A 751 20.83 -8.20 -3.41
N GLN A 752 21.50 -9.32 -3.16
CA GLN A 752 22.61 -9.76 -4.03
C GLN A 752 22.07 -10.11 -5.42
N ILE A 753 20.89 -10.73 -5.50
CA ILE A 753 20.29 -11.08 -6.82
C ILE A 753 19.67 -9.83 -7.46
N ASN A 754 19.20 -8.87 -6.67
CA ASN A 754 18.67 -7.60 -7.24
C ASN A 754 19.81 -6.80 -7.86
N MET A 755 21.01 -6.87 -7.28
CA MET A 755 22.19 -6.19 -7.85
C MET A 755 22.47 -6.71 -9.25
N TYR A 756 22.29 -8.01 -9.48
CA TYR A 756 22.50 -8.62 -10.82
C TYR A 756 21.29 -8.33 -11.70
N LYS A 757 20.09 -8.30 -11.12
CA LYS A 757 18.86 -8.04 -11.89
C LYS A 757 18.89 -6.62 -12.47
N GLU A 758 19.50 -5.66 -11.78
CA GLU A 758 19.60 -4.28 -12.28
C GLU A 758 20.47 -4.27 -13.54
N LYS A 759 21.62 -4.93 -13.51
CA LYS A 759 22.52 -4.99 -14.68
C LYS A 759 21.83 -5.76 -15.80
N MET A 760 21.06 -6.79 -15.47
CA MET A 760 20.32 -7.57 -16.49
C MET A 760 19.28 -6.66 -17.15
N MET A 761 18.59 -5.83 -16.38
CA MET A 761 17.58 -4.90 -16.93
C MET A 761 18.29 -3.87 -17.83
N ASN A 762 19.46 -3.40 -17.43
CA ASN A 762 20.23 -2.44 -18.25
C ASN A 762 20.63 -3.09 -19.58
N ASP A 763 21.12 -4.32 -19.54
CA ASP A 763 21.53 -5.04 -20.77
C ASP A 763 20.31 -5.28 -21.65
N SER A 764 19.16 -5.60 -21.05
CA SER A 764 17.91 -5.85 -21.81
C SER A 764 17.46 -4.54 -22.47
N ILE A 765 17.54 -3.42 -21.76
CA ILE A 765 17.16 -2.10 -22.33
C ILE A 765 18.09 -1.78 -23.50
N LEU A 766 19.37 -2.07 -23.37
CA LEU A 766 20.34 -1.80 -24.46
C LEU A 766 20.00 -2.68 -25.66
N ARG A 767 19.71 -3.95 -25.43
CA ARG A 767 19.39 -4.90 -26.53
C ARG A 767 18.10 -4.45 -27.21
N LEU A 768 17.13 -3.96 -26.46
CA LEU A 768 15.85 -3.53 -27.06
C LEU A 768 16.05 -2.22 -27.82
N GLN A 769 16.93 -1.35 -27.35
CA GLN A 769 17.22 -0.07 -28.04
C GLN A 769 17.94 -0.35 -29.36
N THR A 770 18.84 -1.32 -29.38
CA THR A 770 19.58 -1.69 -30.62
C THR A 770 18.73 -2.67 -31.43
N TRP A 771 17.53 -2.26 -31.76
CA TRP A 771 16.61 -3.04 -32.64
C TRP A 771 16.11 -2.13 -33.75
N ASP A 772 15.15 -2.62 -34.52
CA ASP A 772 14.47 -1.85 -35.58
C ASP A 772 13.05 -1.49 -35.14
N GLU A 773 12.52 -0.41 -35.70
CA GLU A 773 11.19 0.11 -35.32
C GLU A 773 10.09 -0.84 -35.84
N ALA A 774 10.23 -1.33 -37.07
CA ALA A 774 9.17 -2.11 -37.75
C ALA A 774 8.96 -3.45 -37.02
N VAL A 775 10.06 -4.17 -36.79
CA VAL A 775 9.99 -5.51 -36.16
C VAL A 775 9.46 -5.37 -34.72
N PHE A 776 9.91 -4.34 -34.01
CA PHE A 776 9.50 -4.12 -32.61
C PHE A 776 8.00 -3.75 -32.58
N ARG A 777 7.56 -2.94 -33.53
CA ARG A 777 6.14 -2.56 -33.60
C ARG A 777 5.29 -3.80 -33.91
N GLU A 778 5.74 -4.64 -34.83
CA GLU A 778 5.02 -5.89 -35.14
C GLU A 778 4.96 -6.79 -33.89
N LYS A 779 6.06 -6.88 -33.15
CA LYS A 779 6.13 -7.74 -31.95
C LYS A 779 5.15 -7.21 -30.89
N ILE A 780 5.16 -5.91 -30.63
CA ILE A 780 4.28 -5.32 -29.58
C ILE A 780 2.83 -5.42 -30.04
N LEU A 781 2.58 -5.34 -31.34
CA LEU A 781 1.19 -5.49 -31.86
C LEU A 781 0.73 -6.93 -31.64
N HIS A 782 1.59 -7.91 -31.90
CA HIS A 782 1.27 -9.34 -31.65
C HIS A 782 0.98 -9.53 -30.16
N ILE A 783 1.81 -8.96 -29.30
CA ILE A 783 1.64 -9.11 -27.82
C ILE A 783 0.32 -8.47 -27.40
N GLN A 784 0.00 -7.31 -27.96
CA GLN A 784 -1.26 -6.60 -27.62
C GLN A 784 -2.45 -7.44 -28.07
N THR A 785 -2.39 -8.02 -29.27
CA THR A 785 -3.49 -8.87 -29.78
C THR A 785 -3.66 -10.09 -28.87
N HIS A 786 -2.56 -10.72 -28.48
CA HIS A 786 -2.61 -11.91 -27.61
C HIS A 786 -3.23 -11.53 -26.26
N GLU A 787 -2.79 -10.42 -25.68
CA GLU A 787 -3.30 -9.97 -24.36
C GLU A 787 -4.79 -9.61 -24.46
N LYS A 788 -5.19 -8.98 -25.55
CA LYS A 788 -6.62 -8.61 -25.74
C LYS A 788 -7.46 -9.88 -25.89
N PHE A 789 -6.95 -10.87 -26.62
CA PHE A 789 -7.66 -12.16 -26.78
C PHE A 789 -7.80 -12.83 -25.41
N ILE A 790 -6.73 -12.84 -24.62
CA ILE A 790 -6.75 -13.47 -23.27
C ILE A 790 -7.76 -12.72 -22.39
N ARG A 791 -7.80 -11.40 -22.48
CA ARG A 791 -8.71 -10.57 -21.65
C ARG A 791 -10.16 -10.85 -22.05
N ASP A 792 -10.44 -10.91 -23.35
CA ASP A 792 -11.81 -11.19 -23.84
C ASP A 792 -12.21 -12.63 -23.49
N SER A 793 -11.26 -13.55 -23.45
CA SER A 793 -11.53 -14.96 -23.05
C SER A 793 -11.90 -15.00 -21.57
N GLN A 794 -11.08 -14.40 -20.72
CA GLN A 794 -11.31 -14.38 -19.25
C GLN A 794 -12.35 -13.30 -18.93
N GLU A 795 -13.60 -13.52 -19.32
CA GLU A 795 -14.69 -12.55 -19.08
C GLU A 795 -15.89 -13.31 -18.50
N LYS A 796 -16.07 -13.23 -17.19
CA LYS A 796 -17.23 -13.84 -16.49
C LYS A 796 -17.93 -12.75 -15.71
N PRO A 797 -19.15 -12.33 -16.11
CA PRO A 797 -19.86 -11.26 -15.40
C PRO A 797 -20.13 -11.62 -13.94
N LYS A 798 -20.83 -12.73 -13.71
CA LYS A 798 -21.15 -13.22 -12.35
C LYS A 798 -21.80 -14.59 -12.45
N PRO A 799 -21.65 -15.47 -11.44
CA PRO A 799 -22.38 -16.73 -11.41
C PRO A 799 -23.85 -16.54 -11.04
N VAL A 800 -24.58 -17.65 -10.97
CA VAL A 800 -26.02 -17.61 -10.61
C VAL A 800 -26.15 -17.20 -9.14
N PRO A 801 -27.02 -16.22 -8.81
CA PRO A 801 -27.22 -15.84 -7.41
C PRO A 801 -28.14 -16.82 -6.68
N ASP A 802 -27.72 -17.27 -5.51
CA ASP A 802 -28.53 -18.18 -4.65
C ASP A 802 -29.64 -17.36 -4.00
N LYS A 803 -30.89 -17.68 -4.31
CA LYS A 803 -32.05 -16.96 -3.74
C LYS A 803 -32.45 -17.64 -2.43
N GLU A 804 -31.77 -17.28 -1.35
CA GLU A 804 -32.11 -17.78 -0.01
C GLU A 804 -32.09 -16.60 0.95
N ASN A 805 -32.33 -16.84 2.23
CA ASN A 805 -32.30 -15.79 3.27
C ASN A 805 -31.32 -16.20 4.37
N LYS A 806 -30.07 -15.84 4.19
CA LYS A 806 -29.03 -16.11 5.20
C LYS A 806 -29.03 -15.00 6.25
N LYS A 807 -28.51 -15.31 7.43
CA LYS A 807 -28.50 -14.37 8.57
C LYS A 807 -27.06 -14.02 8.89
N LEU A 808 -26.62 -12.83 8.49
CA LEU A 808 -25.29 -12.31 8.86
C LEU A 808 -25.29 -12.06 10.37
N LEU A 809 -24.44 -12.79 11.09
CA LEU A 809 -24.32 -12.67 12.56
C LEU A 809 -22.86 -12.42 12.93
N CYS A 810 -22.65 -11.97 14.15
CA CYS A 810 -21.32 -11.54 14.63
C CYS A 810 -20.36 -12.73 14.62
N ARG A 811 -19.07 -12.42 14.64
CA ARG A 811 -18.00 -13.45 14.60
C ARG A 811 -17.59 -13.86 16.02
N LYS A 812 -17.12 -12.91 16.82
CA LYS A 812 -16.62 -13.22 18.18
C LYS A 812 -17.78 -13.44 19.16
N CYS A 813 -18.97 -12.92 18.87
CA CYS A 813 -20.13 -13.03 19.79
C CYS A 813 -21.17 -14.01 19.25
N LYS A 814 -21.26 -14.19 17.93
CA LYS A 814 -22.22 -15.13 17.30
C LYS A 814 -23.66 -14.72 17.63
N ALA A 815 -23.92 -13.42 17.68
CA ALA A 815 -25.28 -12.87 17.88
C ALA A 815 -25.89 -12.51 16.51
N LEU A 816 -27.14 -12.88 16.31
CA LEU A 816 -27.84 -12.62 15.03
C LEU A 816 -27.90 -11.11 14.79
N ALA A 817 -27.15 -10.63 13.81
CA ALA A 817 -27.11 -9.19 13.49
C ALA A 817 -28.30 -8.85 12.59
N CYS A 818 -28.35 -9.42 11.39
CA CYS A 818 -29.42 -9.08 10.42
C CYS A 818 -29.46 -10.12 9.31
N TYR A 819 -30.65 -10.39 8.82
CA TYR A 819 -30.85 -11.31 7.67
C TYR A 819 -30.33 -10.63 6.40
N THR A 820 -30.03 -11.46 5.40
CA THR A 820 -29.50 -10.98 4.11
C THR A 820 -30.60 -10.31 3.27
N ALA A 821 -31.88 -10.50 3.61
CA ALA A 821 -33.00 -9.85 2.90
C ALA A 821 -32.91 -8.33 3.03
N ASP A 822 -32.46 -7.84 4.18
CA ASP A 822 -32.35 -6.39 4.45
C ASP A 822 -30.94 -5.92 4.10
N VAL A 823 -30.49 -6.18 2.88
CA VAL A 823 -29.15 -5.75 2.41
C VAL A 823 -29.33 -5.02 1.08
N ARG A 824 -28.93 -3.77 1.04
CA ARG A 824 -29.10 -2.91 -0.16
C ARG A 824 -27.73 -2.57 -0.73
N VAL A 825 -27.61 -2.69 -2.03
CA VAL A 825 -26.36 -2.32 -2.76
C VAL A 825 -26.45 -0.84 -3.13
N ILE A 826 -25.41 -0.09 -2.82
CA ILE A 826 -25.40 1.38 -3.10
C ILE A 826 -24.91 1.62 -4.52
N GLU A 827 -23.65 1.30 -4.79
CA GLU A 827 -23.00 1.58 -6.09
C GLU A 827 -22.18 0.37 -6.52
N GLU A 828 -22.76 -0.82 -6.38
CA GLU A 828 -22.09 -2.12 -6.65
C GLU A 828 -20.80 -2.24 -5.82
N CYS A 829 -20.60 -1.38 -4.83
CA CYS A 829 -19.40 -1.42 -3.96
C CYS A 829 -19.82 -1.55 -2.50
N HIS A 830 -20.75 -0.74 -2.03
CA HIS A 830 -21.11 -0.65 -0.59
C HIS A 830 -22.44 -1.35 -0.33
N TYR A 831 -22.55 -1.94 0.85
CA TYR A 831 -23.76 -2.68 1.28
C TYR A 831 -24.28 -2.07 2.57
N THR A 832 -25.55 -1.71 2.59
CA THR A 832 -26.18 -1.05 3.75
C THR A 832 -27.37 -1.87 4.22
N VAL A 833 -27.90 -1.49 5.38
CA VAL A 833 -29.06 -2.16 6.02
C VAL A 833 -30.09 -1.11 6.37
N LEU A 834 -31.36 -1.41 6.13
CA LEU A 834 -32.48 -0.48 6.43
C LEU A 834 -33.24 -0.94 7.68
N GLY A 835 -33.02 -2.17 8.14
CA GLY A 835 -33.77 -2.79 9.24
C GLY A 835 -33.84 -1.90 10.49
N ASP A 836 -35.06 -1.58 10.92
CA ASP A 836 -35.28 -0.81 12.18
C ASP A 836 -34.81 -1.66 13.37
N ALA A 837 -35.05 -2.96 13.32
CA ALA A 837 -34.65 -3.91 14.39
C ALA A 837 -33.13 -3.97 14.50
N PHE A 838 -32.40 -3.69 13.42
CA PHE A 838 -30.93 -3.74 13.42
C PHE A 838 -30.36 -2.46 14.05
N LYS A 839 -31.13 -1.38 14.05
CA LYS A 839 -30.64 -0.07 14.57
C LYS A 839 -30.34 -0.12 16.06
N GLU A 840 -30.82 -1.14 16.77
CA GLU A 840 -30.61 -1.28 18.23
C GLU A 840 -29.57 -2.37 18.52
N CYS A 841 -28.85 -2.84 17.52
CA CYS A 841 -27.85 -3.93 17.69
C CYS A 841 -26.43 -3.40 17.45
N PHE A 842 -26.23 -2.10 17.38
CA PHE A 842 -24.87 -1.54 17.19
C PHE A 842 -24.81 -0.16 17.81
N VAL A 843 -23.66 0.16 18.38
CA VAL A 843 -23.38 1.49 18.98
C VAL A 843 -22.48 2.25 18.00
N SER A 844 -22.46 3.57 18.13
CA SER A 844 -21.66 4.46 17.25
C SER A 844 -20.55 5.11 18.07
N ARG A 845 -19.45 5.42 17.40
CA ARG A 845 -18.31 6.13 18.00
C ARG A 845 -17.82 7.16 17.00
N PRO A 846 -17.21 8.27 17.47
CA PRO A 846 -16.66 9.26 16.55
C PRO A 846 -15.51 8.69 15.72
N HIS A 847 -15.57 8.91 14.42
CA HIS A 847 -14.55 8.40 13.47
C HIS A 847 -13.24 9.13 13.74
N PRO A 848 -12.09 8.42 13.77
CA PRO A 848 -10.82 9.07 14.11
C PRO A 848 -10.25 9.97 13.01
N LYS A 849 -10.64 9.75 11.75
CA LYS A 849 -10.10 10.52 10.60
C LYS A 849 -11.19 10.69 9.56
N PRO A 850 -11.88 11.84 9.53
CA PRO A 850 -12.91 12.09 8.53
C PRO A 850 -12.40 12.66 7.20
N LYS A 851 -12.76 11.98 6.11
CA LYS A 851 -12.58 12.50 4.72
C LYS A 851 -13.53 11.77 3.79
N GLN A 852 -14.33 12.53 3.05
CA GLN A 852 -15.34 11.97 2.12
C GLN A 852 -14.65 11.37 0.91
N PHE A 853 -15.06 10.16 0.54
CA PHE A 853 -14.57 9.38 -0.61
C PHE A 853 -15.73 9.21 -1.59
N SER A 854 -15.50 9.47 -2.87
CA SER A 854 -16.53 9.36 -3.95
C SER A 854 -17.75 10.22 -3.62
N SER A 855 -18.71 9.72 -2.83
CA SER A 855 -19.97 10.45 -2.50
C SER A 855 -20.51 10.00 -1.14
N PHE A 856 -19.64 9.84 -0.14
CA PHE A 856 -20.00 9.41 1.23
C PHE A 856 -19.23 10.25 2.23
N GLU A 857 -19.91 11.07 3.03
CA GLU A 857 -19.25 11.89 4.08
C GLU A 857 -18.78 10.95 5.19
N LYS A 858 -17.51 11.06 5.57
CA LYS A 858 -16.89 10.09 6.51
C LYS A 858 -17.46 10.32 7.91
N ARG A 859 -18.66 9.80 8.14
CA ARG A 859 -19.33 9.85 9.46
C ARG A 859 -18.86 8.71 10.36
N ALA A 860 -19.64 8.43 11.41
CA ALA A 860 -19.19 7.69 12.61
C ALA A 860 -18.82 6.24 12.29
N LYS A 861 -18.25 5.55 13.26
CA LYS A 861 -17.84 4.14 13.14
C LYS A 861 -18.74 3.28 14.03
N ILE A 862 -19.24 2.18 13.47
CA ILE A 862 -20.16 1.29 14.21
C ILE A 862 -19.35 0.25 15.00
N PHE A 863 -19.96 -0.27 16.04
CA PHE A 863 -19.39 -1.38 16.83
C PHE A 863 -20.53 -2.22 17.35
N CYS A 864 -20.26 -3.50 17.59
CA CYS A 864 -21.30 -4.45 18.06
C CYS A 864 -21.81 -4.03 19.43
N ALA A 865 -23.12 -4.11 19.62
CA ALA A 865 -23.80 -3.76 20.89
C ALA A 865 -24.30 -5.04 21.53
N ARG A 866 -23.57 -5.52 22.54
CA ARG A 866 -23.93 -6.75 23.29
C ARG A 866 -23.47 -6.59 24.72
N GLN A 867 -23.45 -7.68 25.47
CA GLN A 867 -22.90 -7.72 26.85
C GLN A 867 -21.48 -7.15 26.84
N ASN A 868 -20.56 -7.84 26.17
CA ASN A 868 -19.17 -7.34 25.98
C ASN A 868 -18.66 -7.92 24.67
N CYS A 869 -18.78 -7.17 23.59
CA CYS A 869 -18.29 -7.57 22.26
C CYS A 869 -17.26 -6.57 21.74
N SER A 870 -17.62 -5.30 21.63
CA SER A 870 -16.73 -4.21 21.17
C SER A 870 -16.06 -4.60 19.83
N HIS A 871 -16.80 -5.25 18.94
CA HIS A 871 -16.25 -5.74 17.65
C HIS A 871 -16.58 -4.75 16.54
N ASP A 872 -15.61 -4.49 15.67
CA ASP A 872 -15.80 -3.60 14.51
C ASP A 872 -16.82 -4.23 13.55
N TRP A 873 -17.78 -3.44 13.09
CA TRP A 873 -18.84 -3.91 12.16
C TRP A 873 -18.87 -3.13 10.86
N GLY A 874 -18.10 -2.05 10.73
CA GLY A 874 -18.11 -1.24 9.49
C GLY A 874 -18.09 0.25 9.75
N ILE A 875 -19.08 0.96 9.22
CA ILE A 875 -19.13 2.44 9.32
C ILE A 875 -20.59 2.86 9.31
N HIS A 876 -20.86 4.10 9.69
CA HIS A 876 -22.23 4.68 9.70
C HIS A 876 -22.14 6.07 9.12
N VAL A 877 -22.57 6.23 7.88
CA VAL A 877 -22.32 7.45 7.08
C VAL A 877 -23.61 7.94 6.43
N LYS A 878 -23.58 9.17 5.95
CA LYS A 878 -24.72 9.79 5.25
C LYS A 878 -24.51 9.59 3.75
N TYR A 879 -25.40 8.86 3.09
CA TYR A 879 -25.32 8.59 1.65
C TYR A 879 -25.39 9.92 0.90
N LYS A 880 -26.54 10.58 0.91
CA LYS A 880 -26.68 11.99 0.45
C LYS A 880 -27.45 12.80 1.48
N THR A 881 -28.54 12.26 2.02
CA THR A 881 -29.29 12.88 3.14
C THR A 881 -29.65 11.85 4.22
N PHE A 882 -29.54 10.56 3.94
CA PHE A 882 -29.90 9.50 4.92
C PHE A 882 -28.64 8.97 5.59
N GLU A 883 -28.70 8.90 6.93
CA GLU A 883 -27.58 8.42 7.77
C GLU A 883 -27.76 6.90 7.93
N ILE A 884 -27.12 6.13 7.08
CA ILE A 884 -27.30 4.65 7.06
C ILE A 884 -25.97 4.01 7.42
N PRO A 885 -25.99 2.81 8.04
CA PRO A 885 -24.75 2.09 8.31
C PRO A 885 -24.33 1.17 7.16
N VAL A 886 -23.07 1.27 6.76
CA VAL A 886 -22.47 0.38 5.74
C VAL A 886 -21.63 -0.65 6.48
N ILE A 887 -22.05 -1.89 6.44
CA ILE A 887 -21.38 -2.99 7.18
C ILE A 887 -20.31 -3.61 6.27
N LYS A 888 -19.33 -4.25 6.89
CA LYS A 888 -18.25 -4.96 6.19
C LYS A 888 -18.47 -6.46 6.38
N ILE A 889 -18.51 -7.19 5.28
CA ILE A 889 -18.72 -8.66 5.33
C ILE A 889 -17.50 -9.30 5.99
N GLU A 890 -16.32 -8.69 5.84
CA GLU A 890 -15.07 -9.24 6.42
C GLU A 890 -15.26 -9.53 7.92
N SER A 891 -15.87 -8.59 8.64
CA SER A 891 -16.18 -8.75 10.09
C SER A 891 -17.60 -9.29 10.23
N PHE A 892 -17.92 -10.36 9.51
CA PHE A 892 -19.26 -11.00 9.59
C PHE A 892 -19.15 -12.43 9.07
N VAL A 893 -19.70 -13.35 9.83
CA VAL A 893 -19.75 -14.79 9.43
C VAL A 893 -21.13 -15.07 8.86
N VAL A 894 -21.18 -15.79 7.76
CA VAL A 894 -22.45 -16.09 7.04
C VAL A 894 -23.04 -17.36 7.63
N GLU A 895 -24.36 -17.40 7.75
CA GLU A 895 -25.07 -18.59 8.26
C GLU A 895 -26.38 -18.75 7.48
N ASP A 896 -26.55 -19.93 6.87
CA ASP A 896 -27.78 -20.24 6.10
C ASP A 896 -28.79 -20.88 7.05
N ILE A 897 -30.06 -20.52 6.89
CA ILE A 897 -31.15 -21.06 7.74
C ILE A 897 -31.52 -22.46 7.26
N ALA A 898 -31.43 -22.72 5.96
CA ALA A 898 -31.88 -24.01 5.38
C ALA A 898 -30.90 -25.12 5.75
N THR A 899 -29.66 -25.00 5.30
CA THR A 899 -28.64 -26.07 5.45
C THR A 899 -28.02 -26.00 6.84
N GLY A 900 -27.82 -24.79 7.37
CA GLY A 900 -27.32 -24.60 8.75
C GLY A 900 -25.81 -24.62 8.85
N VAL A 901 -25.10 -24.58 7.74
CA VAL A 901 -23.61 -24.59 7.73
C VAL A 901 -23.11 -23.15 7.66
N GLN A 902 -22.04 -22.86 8.39
CA GLN A 902 -21.44 -21.51 8.41
C GLN A 902 -20.31 -21.43 7.38
N THR A 903 -20.18 -20.28 6.75
CA THR A 903 -19.12 -20.02 5.76
C THR A 903 -18.54 -18.63 6.01
N LEU A 904 -17.29 -18.42 5.62
CA LEU A 904 -16.60 -17.13 5.80
C LEU A 904 -16.39 -16.48 4.43
N TYR A 905 -16.44 -15.16 4.41
CA TYR A 905 -16.23 -14.37 3.17
C TYR A 905 -15.47 -13.10 3.54
N SER A 906 -14.38 -12.84 2.84
CA SER A 906 -13.49 -11.68 3.11
C SER A 906 -14.04 -10.43 2.41
N LYS A 907 -14.30 -10.52 1.11
CA LYS A 907 -14.77 -9.37 0.31
C LYS A 907 -16.23 -9.58 -0.07
N TRP A 908 -16.93 -8.48 -0.29
CA TRP A 908 -18.35 -8.49 -0.71
C TRP A 908 -18.46 -9.10 -2.11
N LYS A 909 -17.44 -8.93 -2.94
CA LYS A 909 -17.44 -9.47 -4.31
C LYS A 909 -17.52 -11.00 -4.27
N ASP A 910 -16.84 -11.63 -3.32
CA ASP A 910 -16.79 -13.11 -3.23
C ASP A 910 -18.17 -13.61 -2.78
N PHE A 911 -18.79 -12.94 -1.82
CA PHE A 911 -20.12 -13.35 -1.29
C PHE A 911 -21.18 -13.12 -2.36
N HIS A 912 -21.68 -14.20 -2.94
CA HIS A 912 -22.66 -14.16 -4.05
C HIS A 912 -24.06 -14.41 -3.48
N PHE A 913 -24.96 -13.48 -3.70
CA PHE A 913 -26.37 -13.60 -3.24
C PHE A 913 -27.24 -12.66 -4.07
N GLU A 914 -28.55 -12.91 -4.01
CA GLU A 914 -29.54 -12.06 -4.70
C GLU A 914 -29.52 -10.67 -4.05
N LYS A 915 -28.98 -9.70 -4.76
CA LYS A 915 -28.81 -8.32 -4.23
C LYS A 915 -29.70 -7.37 -5.03
N ILE A 916 -30.42 -6.52 -4.33
CA ILE A 916 -31.30 -5.50 -4.95
C ILE A 916 -30.68 -4.14 -4.71
N PRO A 917 -30.76 -3.20 -5.66
CA PRO A 917 -30.20 -1.87 -5.46
C PRO A 917 -30.87 -1.11 -4.32
N PHE A 918 -30.15 -0.14 -3.78
CA PHE A 918 -30.64 0.72 -2.68
C PHE A 918 -31.56 1.79 -3.27
N ASP A 919 -32.85 1.69 -2.98
CA ASP A 919 -33.83 2.69 -3.46
C ASP A 919 -34.19 3.60 -2.29
N PRO A 920 -34.18 4.94 -2.47
CA PRO A 920 -34.52 5.86 -1.38
C PRO A 920 -36.03 5.86 -1.08
N ALA A 921 -36.54 4.74 -0.59
CA ALA A 921 -37.97 4.57 -0.24
C ALA A 921 -38.14 4.39 1.27
N GLU A 922 -37.44 3.41 1.86
CA GLU A 922 -37.55 3.12 3.31
C GLU A 922 -36.56 4.01 4.07
#